data_8IDB
#
_entry.id   8IDB
#
_cell.length_a   1.00
_cell.length_b   1.00
_cell.length_c   1.00
_cell.angle_alpha   90.00
_cell.angle_beta   90.00
_cell.angle_gamma   90.00
#
_symmetry.space_group_name_H-M   'P 1'
#
loop_
_entity.id
_entity.type
_entity.pdbx_description
1 polymer 'Cell division ATP-binding protein FtsE'
2 polymer 'Cell division protein FtsX'
#
loop_
_entity_poly.entity_id
_entity_poly.type
_entity_poly.pdbx_seq_one_letter_code
_entity_poly.pdbx_strand_id
1 'polypeptide(L)'
;MMITLDHVTKQYKSSARPALDDINVKIDKGEFVFLIGPSGSGKSTFMRLLLAAETPTSGDVRVSKFHVNKLRGRHVPKLR
QVIGCVFQDFRLLQQKTVYDNVAFALEVIGKRTDAINRVVPEVLETVGLSGKANRLPDELSGGEQQRVAIARAFVNRPLV
LLADEPTGNLDPETSRDIMDLLERINRTGTTVLMATHDHHIVDSMRQRVVELSLGRLVRDEQRGVYGMDR
;
A,B
2 'polypeptide(L)'
;MRFGFLLNEVLTGFRRNVTMTIAMILTTAISVGLFGGGMLVVRLADSSRAIYLDRVESQVFLTEDVSANDSSCDTTACKA
LREKIETRSDVKAVRFLNRQQAYDDAIRKFPQFKDVAGKDSFPASFIVKLENPEQHKDFDTAMKGQPGVLDVLNQKELID
RLFAVLDGLSNAAFAVALVQAIGAILLIANMVQVAAYTRRTEIGIMRLVGASRWYTQLPFLVEAMLAATMGVGIAVAGLM
VVRALFLENALNQFYQANLIAKVDYADILFITPWLLLLGVAMSGLTAYLTLRLYVRR
;
C,D
#
# COMPACT_ATOMS: atom_id res chain seq x y z
N MET A 1 27.36 -31.96 -32.55
CA MET A 1 26.85 -33.25 -32.08
C MET A 1 26.46 -33.16 -30.61
N MET A 2 26.79 -32.04 -29.98
CA MET A 2 26.43 -31.84 -28.58
C MET A 2 24.95 -31.48 -28.43
N ILE A 3 24.36 -30.90 -29.47
CA ILE A 3 22.95 -30.50 -29.45
C ILE A 3 22.15 -31.75 -29.84
N THR A 4 21.81 -32.55 -28.84
CA THR A 4 21.08 -33.79 -29.06
C THR A 4 20.30 -34.14 -27.80
N LEU A 5 18.99 -34.34 -27.94
CA LEU A 5 18.15 -34.82 -26.85
C LEU A 5 17.62 -36.20 -27.21
N ASP A 6 17.89 -37.18 -26.35
CA ASP A 6 17.48 -38.56 -26.57
C ASP A 6 16.68 -39.03 -25.35
N HIS A 7 15.52 -39.65 -25.61
CA HIS A 7 14.68 -40.29 -24.60
C HIS A 7 14.22 -39.32 -23.53
N VAL A 8 13.91 -38.09 -23.93
CA VAL A 8 13.48 -37.03 -23.01
C VAL A 8 12.00 -36.78 -23.25
N THR A 9 11.19 -36.99 -22.22
CA THR A 9 9.75 -36.81 -22.30
C THR A 9 9.30 -35.91 -21.16
N LYS A 10 8.53 -34.88 -21.49
CA LYS A 10 7.95 -34.00 -20.49
C LYS A 10 6.55 -33.58 -20.94
N GLN A 11 5.73 -33.21 -19.97
CA GLN A 11 4.37 -32.78 -20.22
C GLN A 11 4.18 -31.35 -19.73
N TYR A 12 3.35 -30.59 -20.46
CA TYR A 12 3.08 -29.20 -20.11
C TYR A 12 2.22 -29.16 -18.85
N LYS A 13 2.82 -28.73 -17.73
CA LYS A 13 2.19 -28.61 -16.42
C LYS A 13 1.59 -29.94 -15.95
N SER A 14 2.33 -31.02 -16.18
CA SER A 14 1.96 -32.40 -15.82
C SER A 14 0.61 -32.80 -16.42
N SER A 15 0.44 -32.53 -17.71
CA SER A 15 -0.80 -32.86 -18.39
C SER A 15 -0.91 -34.37 -18.61
N ALA A 16 -2.14 -34.83 -18.84
CA ALA A 16 -2.36 -36.24 -19.12
C ALA A 16 -1.81 -36.62 -20.49
N ARG A 17 -1.78 -35.66 -21.42
CA ARG A 17 -1.17 -35.91 -22.71
C ARG A 17 0.35 -36.03 -22.57
N PRO A 18 0.99 -36.85 -23.41
CA PRO A 18 2.46 -36.95 -23.36
C PRO A 18 3.18 -35.67 -23.75
N ALA A 19 2.52 -34.80 -24.53
CA ALA A 19 3.03 -33.52 -25.04
C ALA A 19 4.34 -33.71 -25.80
N LEU A 20 5.45 -33.30 -25.20
CA LEU A 20 6.76 -33.51 -25.79
C LEU A 20 7.20 -34.94 -25.47
N ASP A 21 7.09 -35.83 -26.44
CA ASP A 21 7.45 -37.23 -26.25
C ASP A 21 8.96 -37.41 -26.37
N ASP A 22 9.41 -38.67 -26.27
CA ASP A 22 10.82 -39.00 -26.38
C ASP A 22 11.23 -38.88 -27.84
N ILE A 23 11.54 -37.65 -28.25
CA ILE A 23 11.96 -37.35 -29.61
C ILE A 23 13.48 -37.30 -29.64
N ASN A 24 14.08 -38.16 -30.46
CA ASN A 24 15.53 -38.25 -30.57
C ASN A 24 15.97 -37.56 -31.86
N VAL A 25 16.54 -36.38 -31.72
CA VAL A 25 17.06 -35.61 -32.85
C VAL A 25 18.49 -35.19 -32.51
N LYS A 26 19.38 -35.28 -33.50
CA LYS A 26 20.76 -34.85 -33.35
C LYS A 26 21.03 -33.70 -34.30
N ILE A 27 21.51 -32.59 -33.76
CA ILE A 27 21.79 -31.39 -34.53
C ILE A 27 23.28 -31.12 -34.45
N ASP A 28 23.94 -31.10 -35.60
CA ASP A 28 25.35 -30.76 -35.70
C ASP A 28 25.49 -29.25 -35.81
N LYS A 29 26.71 -28.77 -36.02
CA LYS A 29 26.94 -27.33 -36.07
C LYS A 29 26.45 -26.77 -37.40
N GLY A 30 25.63 -25.73 -37.32
CA GLY A 30 25.05 -25.10 -38.50
C GLY A 30 24.09 -26.00 -39.24
N GLU A 31 23.26 -26.73 -38.50
CA GLU A 31 22.28 -27.64 -39.09
C GLU A 31 20.90 -26.99 -38.96
N PHE A 32 20.36 -26.52 -40.08
CA PHE A 32 19.07 -25.85 -40.10
C PHE A 32 17.96 -26.86 -39.84
N VAL A 33 17.05 -26.52 -38.94
CA VAL A 33 15.88 -27.36 -38.69
C VAL A 33 14.65 -26.46 -38.55
N PHE A 34 13.57 -26.89 -39.15
CA PHE A 34 12.26 -26.28 -39.08
C PHE A 34 11.40 -27.06 -38.08
N LEU A 35 10.12 -26.70 -38.00
CA LEU A 35 9.16 -27.46 -37.22
C LEU A 35 8.28 -28.26 -38.15
N ILE A 36 8.16 -29.57 -37.89
CA ILE A 36 7.36 -30.43 -38.74
C ILE A 36 5.86 -30.18 -38.59
N GLY A 37 5.46 -29.49 -37.51
CA GLY A 37 4.07 -29.13 -37.32
C GLY A 37 3.17 -30.32 -36.99
N PRO A 38 3.29 -30.87 -35.77
CA PRO A 38 2.44 -32.02 -35.41
C PRO A 38 0.99 -31.63 -35.22
N SER A 39 0.29 -31.52 -36.36
CA SER A 39 -1.12 -31.10 -36.46
C SER A 39 -1.36 -29.71 -35.87
N GLY A 40 -0.35 -28.84 -35.94
CA GLY A 40 -0.47 -27.49 -35.42
C GLY A 40 -0.68 -27.40 -33.92
N SER A 41 0.11 -28.14 -33.15
CA SER A 41 -0.07 -28.19 -31.70
C SER A 41 0.49 -26.92 -31.05
N GLY A 42 0.49 -26.92 -29.72
CA GLY A 42 1.00 -25.77 -28.99
C GLY A 42 2.51 -25.67 -29.14
N LYS A 43 2.98 -24.72 -29.93
CA LYS A 43 4.39 -24.65 -30.27
C LYS A 43 5.23 -24.00 -29.18
N SER A 44 4.62 -23.43 -28.15
CA SER A 44 5.37 -23.04 -26.96
C SER A 44 5.96 -24.27 -26.27
N THR A 45 5.19 -25.36 -26.25
CA THR A 45 5.72 -26.64 -25.80
C THR A 45 6.72 -27.18 -26.82
N PHE A 46 7.68 -27.95 -26.30
CA PHE A 46 8.74 -28.62 -27.07
C PHE A 46 9.63 -27.66 -27.85
N MET A 47 9.68 -26.39 -27.43
CA MET A 47 10.56 -25.41 -28.07
C MET A 47 11.34 -24.64 -27.02
N ARG A 48 10.73 -24.44 -25.85
CA ARG A 48 11.32 -23.67 -24.78
C ARG A 48 12.07 -24.52 -23.77
N LEU A 49 12.25 -25.81 -24.05
CA LEU A 49 12.91 -26.69 -23.10
C LEU A 49 14.42 -26.65 -23.22
N LEU A 50 14.97 -25.91 -24.20
CA LEU A 50 16.41 -25.88 -24.38
C LEU A 50 17.09 -25.01 -23.33
N LEU A 51 16.33 -24.13 -22.68
CA LEU A 51 16.82 -23.37 -21.56
C LEU A 51 15.65 -23.11 -20.61
N ALA A 52 15.96 -23.12 -19.30
CA ALA A 52 15.01 -22.89 -18.21
C ALA A 52 13.81 -23.84 -18.28
N ALA A 53 14.10 -25.13 -18.42
CA ALA A 53 13.07 -26.15 -18.53
C ALA A 53 12.72 -26.71 -17.15
N GLU A 54 11.96 -27.79 -17.13
CA GLU A 54 11.59 -28.45 -15.88
C GLU A 54 11.96 -29.93 -15.93
N VAL A 63 24.25 -25.91 -23.89
CA VAL A 63 24.04 -27.00 -24.82
C VAL A 63 25.35 -27.36 -25.50
N SER A 64 26.42 -26.68 -25.10
CA SER A 64 27.75 -26.92 -25.65
C SER A 64 28.70 -27.52 -24.62
N LYS A 65 28.89 -26.84 -23.49
CA LYS A 65 29.73 -27.35 -22.42
C LYS A 65 28.95 -28.03 -21.31
N PHE A 66 27.62 -27.89 -21.30
CA PHE A 66 26.76 -28.51 -20.31
C PHE A 66 25.56 -29.14 -21.00
N HIS A 67 25.10 -30.25 -20.45
CA HIS A 67 23.94 -30.96 -20.98
C HIS A 67 22.66 -30.39 -20.37
N VAL A 68 21.56 -31.09 -20.56
CA VAL A 68 20.27 -30.69 -20.00
C VAL A 68 20.01 -31.34 -18.65
N ASN A 69 21.05 -31.90 -18.02
CA ASN A 69 20.91 -32.56 -16.74
C ASN A 69 21.57 -31.80 -15.59
N LYS A 70 22.61 -31.03 -15.85
CA LYS A 70 23.30 -30.25 -14.82
C LYS A 70 22.56 -28.93 -14.67
N LEU A 71 21.66 -28.87 -13.69
CA LEU A 71 20.83 -27.69 -13.46
C LEU A 71 21.22 -27.05 -12.13
N ARG A 72 21.55 -25.76 -12.17
CA ARG A 72 21.86 -25.01 -10.96
C ARG A 72 21.64 -23.53 -11.26
N GLY A 73 21.58 -22.74 -10.19
CA GLY A 73 21.43 -21.31 -10.34
C GLY A 73 22.66 -20.61 -10.88
N ARG A 74 23.83 -21.23 -10.73
CA ARG A 74 25.06 -20.72 -11.31
C ARG A 74 25.44 -21.44 -12.61
N HIS A 75 24.60 -22.34 -13.08
CA HIS A 75 24.83 -23.06 -14.33
C HIS A 75 23.98 -22.52 -15.47
N VAL A 76 22.74 -22.12 -15.18
CA VAL A 76 21.90 -21.50 -16.21
C VAL A 76 22.41 -20.17 -16.76
N PRO A 77 22.97 -19.20 -15.99
CA PRO A 77 23.28 -17.92 -16.63
C PRO A 77 24.50 -17.96 -17.54
N LYS A 78 25.49 -18.81 -17.24
CA LYS A 78 26.68 -18.89 -18.08
C LYS A 78 26.37 -19.54 -19.43
N LEU A 79 25.58 -20.61 -19.42
CA LEU A 79 25.18 -21.28 -20.65
C LEU A 79 23.96 -20.65 -21.30
N ARG A 80 23.36 -19.63 -20.67
CA ARG A 80 22.31 -18.88 -21.31
C ARG A 80 22.85 -17.75 -22.19
N GLN A 81 24.16 -17.48 -22.11
CA GLN A 81 24.75 -16.43 -22.94
C GLN A 81 25.23 -16.96 -24.28
N VAL A 82 25.36 -18.27 -24.43
CA VAL A 82 25.74 -18.86 -25.71
C VAL A 82 24.51 -19.09 -26.58
N ILE A 83 23.31 -18.88 -26.05
CA ILE A 83 22.06 -19.10 -26.76
C ILE A 83 21.30 -17.78 -26.83
N GLY A 84 20.67 -17.52 -27.96
CA GLY A 84 19.75 -16.42 -28.11
C GLY A 84 18.35 -16.93 -28.37
N CYS A 85 17.41 -15.99 -28.43
CA CYS A 85 16.01 -16.30 -28.69
C CYS A 85 15.37 -15.16 -29.48
N VAL A 86 14.40 -15.53 -30.31
CA VAL A 86 13.56 -14.58 -31.03
C VAL A 86 12.12 -14.90 -30.70
N PHE A 87 11.41 -13.93 -30.17
CA PHE A 87 10.03 -14.08 -29.72
C PHE A 87 9.06 -13.58 -30.78
N GLN A 88 7.79 -13.44 -30.40
CA GLN A 88 6.74 -13.00 -31.32
C GLN A 88 6.30 -11.55 -31.12
N ASP A 89 6.11 -11.12 -29.87
CA ASP A 89 5.68 -9.75 -29.60
C ASP A 89 6.84 -8.75 -29.61
N PHE A 90 8.04 -9.22 -29.94
CA PHE A 90 9.27 -8.52 -30.30
C PHE A 90 10.00 -7.89 -29.12
N ARG A 91 9.30 -7.76 -27.99
CA ARG A 91 9.81 -7.15 -26.74
C ARG A 91 10.61 -5.86 -26.98
N LEU A 92 10.06 -5.00 -27.83
CA LEU A 92 10.65 -3.70 -28.16
C LEU A 92 9.73 -2.60 -27.65
N LEU A 93 10.29 -1.69 -26.86
CA LEU A 93 9.53 -0.63 -26.23
C LEU A 93 9.65 0.67 -27.01
N GLN A 94 8.61 1.49 -26.92
CA GLN A 94 8.60 2.80 -27.55
C GLN A 94 9.23 3.87 -26.67
N GLN A 95 9.63 3.54 -25.45
CA GLN A 95 10.22 4.51 -24.53
C GLN A 95 11.73 4.64 -24.69
N LYS A 96 12.35 3.84 -25.56
CA LYS A 96 13.78 3.88 -25.77
C LYS A 96 14.07 3.78 -27.26
N THR A 97 15.11 4.48 -27.71
CA THR A 97 15.43 4.57 -29.12
C THR A 97 15.92 3.24 -29.67
N VAL A 98 15.71 3.04 -30.97
CA VAL A 98 15.98 1.75 -31.61
C VAL A 98 17.48 1.50 -31.70
N TYR A 99 18.28 2.55 -31.83
CA TYR A 99 19.73 2.39 -31.90
C TYR A 99 20.30 1.88 -30.58
N ASP A 100 19.70 2.28 -29.46
CA ASP A 100 20.14 1.79 -28.17
C ASP A 100 19.29 0.64 -27.65
N ASN A 101 18.16 0.33 -28.31
CA ASN A 101 17.33 -0.79 -27.85
C ASN A 101 18.02 -2.12 -28.12
N VAL A 102 18.75 -2.21 -29.22
CA VAL A 102 19.54 -3.40 -29.48
C VAL A 102 20.77 -3.43 -28.58
N ALA A 103 21.21 -2.27 -28.11
CA ALA A 103 22.38 -2.18 -27.25
C ALA A 103 22.05 -2.31 -25.77
N PHE A 104 20.78 -2.57 -25.42
CA PHE A 104 20.42 -2.75 -24.02
C PHE A 104 20.98 -4.04 -23.46
N ALA A 105 21.03 -5.09 -24.28
CA ALA A 105 21.46 -6.40 -23.82
C ALA A 105 22.95 -6.49 -23.52
N LEU A 106 23.74 -5.50 -23.97
CA LEU A 106 25.19 -5.61 -23.82
C LEU A 106 25.62 -5.37 -22.39
N GLU A 107 25.01 -4.41 -21.69
CA GLU A 107 25.42 -4.10 -20.33
C GLU A 107 24.86 -5.09 -19.31
N VAL A 108 23.97 -5.98 -19.72
CA VAL A 108 23.51 -7.03 -18.81
C VAL A 108 24.65 -8.01 -18.55
N ILE A 109 25.41 -8.34 -19.60
CA ILE A 109 26.67 -9.06 -19.39
C ILE A 109 27.67 -8.17 -18.65
N GLY A 110 27.84 -6.94 -19.13
CA GLY A 110 28.82 -6.04 -18.55
C GLY A 110 30.11 -6.03 -19.33
N LYS A 111 30.33 -4.96 -20.08
CA LYS A 111 31.59 -4.74 -20.80
C LYS A 111 32.06 -3.33 -20.48
N ARG A 112 33.11 -2.89 -21.16
CA ARG A 112 33.55 -1.52 -20.98
C ARG A 112 32.59 -0.56 -21.69
N THR A 113 32.64 0.70 -21.27
CA THR A 113 31.76 1.72 -21.83
C THR A 113 32.06 1.99 -23.29
N ASP A 114 33.35 2.06 -23.64
CA ASP A 114 33.73 2.19 -25.05
C ASP A 114 33.61 0.89 -25.80
N ALA A 115 33.60 -0.25 -25.09
CA ALA A 115 33.47 -1.55 -25.73
C ALA A 115 32.07 -1.81 -26.26
N ILE A 116 31.08 -1.01 -25.86
CA ILE A 116 29.71 -1.20 -26.33
C ILE A 116 29.61 -0.82 -27.80
N ASN A 117 30.22 0.30 -28.18
CA ASN A 117 30.02 0.90 -29.48
C ASN A 117 30.96 0.39 -30.55
N ARG A 118 31.90 -0.50 -30.21
CA ARG A 118 32.82 -0.99 -31.22
C ARG A 118 32.24 -2.15 -32.03
N VAL A 119 31.03 -2.58 -31.73
CA VAL A 119 30.43 -3.72 -32.41
C VAL A 119 29.10 -3.38 -33.08
N VAL A 120 28.41 -2.32 -32.63
CA VAL A 120 27.13 -1.93 -33.24
C VAL A 120 27.22 -1.57 -34.72
N PRO A 121 28.19 -0.75 -35.20
CA PRO A 121 28.22 -0.48 -36.65
C PRO A 121 28.73 -1.61 -37.52
N GLU A 122 29.04 -2.79 -36.98
CA GLU A 122 29.29 -3.95 -37.83
C GLU A 122 28.28 -5.07 -37.56
N VAL A 123 27.21 -4.78 -36.82
CA VAL A 123 26.11 -5.73 -36.69
C VAL A 123 24.77 -5.16 -37.12
N LEU A 124 24.57 -3.83 -37.12
CA LEU A 124 23.29 -3.28 -37.56
C LEU A 124 23.13 -3.19 -39.07
N GLU A 125 24.08 -3.66 -39.86
CA GLU A 125 23.86 -3.77 -41.29
C GLU A 125 23.84 -5.22 -41.76
N THR A 126 24.04 -6.18 -40.85
CA THR A 126 23.94 -7.59 -41.22
C THR A 126 22.50 -7.96 -41.54
N VAL A 127 21.55 -7.41 -40.80
CA VAL A 127 20.14 -7.63 -41.07
C VAL A 127 19.63 -6.45 -41.89
N GLY A 128 20.35 -5.34 -41.83
CA GLY A 128 20.08 -4.18 -42.65
C GLY A 128 19.21 -3.18 -41.92
N LEU A 129 19.84 -2.17 -41.29
CA LEU A 129 19.06 -1.17 -40.57
C LEU A 129 19.64 0.23 -40.69
N SER A 130 20.56 0.47 -41.62
CA SER A 130 21.18 1.80 -41.73
C SER A 130 20.20 2.83 -42.27
N GLY A 131 19.22 2.39 -43.07
CA GLY A 131 18.24 3.33 -43.59
C GLY A 131 17.24 3.79 -42.53
N LYS A 132 17.09 3.03 -41.45
CA LYS A 132 16.12 3.34 -40.40
C LYS A 132 16.80 2.97 -39.09
N ALA A 133 17.49 3.93 -38.49
CA ALA A 133 18.29 3.60 -37.32
C ALA A 133 18.04 4.52 -36.13
N ASN A 134 17.86 5.81 -36.36
CA ASN A 134 17.71 6.76 -35.27
C ASN A 134 16.45 7.60 -35.37
N ARG A 135 16.12 8.11 -36.55
CA ARG A 135 14.88 8.86 -36.73
C ARG A 135 13.69 7.92 -36.58
N LEU A 136 12.57 8.48 -36.10
CA LEU A 136 11.36 7.74 -35.78
C LEU A 136 11.62 6.57 -34.82
N PRO A 137 12.33 6.81 -33.72
CA PRO A 137 12.62 5.71 -32.80
C PRO A 137 11.41 5.23 -32.02
N ASP A 138 10.43 6.10 -31.79
CA ASP A 138 9.20 5.70 -31.11
C ASP A 138 8.17 5.18 -32.11
N GLU A 139 7.83 6.00 -33.11
CA GLU A 139 6.88 5.61 -34.15
C GLU A 139 7.61 4.73 -35.15
N LEU A 140 7.78 3.47 -34.78
CA LEU A 140 8.48 2.49 -35.61
C LEU A 140 7.46 1.53 -36.21
N SER A 141 7.56 1.30 -37.51
CA SER A 141 6.63 0.42 -38.19
C SER A 141 6.94 -1.05 -37.88
N GLY A 142 6.02 -1.93 -38.27
CA GLY A 142 6.18 -3.34 -37.99
C GLY A 142 7.16 -4.08 -38.87
N GLY A 143 7.64 -3.44 -39.94
CA GLY A 143 8.59 -4.10 -40.82
C GLY A 143 9.95 -4.31 -40.19
N GLU A 144 10.46 -3.29 -39.50
CA GLU A 144 11.80 -3.34 -38.91
C GLU A 144 11.82 -3.95 -37.52
N GLN A 145 10.64 -4.29 -36.98
CA GLN A 145 10.59 -4.95 -35.67
C GLN A 145 11.26 -6.31 -35.72
N GLN A 146 11.07 -7.06 -36.81
CA GLN A 146 11.74 -8.35 -36.92
C GLN A 146 13.23 -8.17 -37.14
N ARG A 147 13.62 -7.12 -37.87
CA ARG A 147 15.04 -6.82 -38.09
C ARG A 147 15.75 -6.50 -36.79
N VAL A 148 15.13 -5.69 -35.92
CA VAL A 148 15.77 -5.37 -34.65
C VAL A 148 15.66 -6.55 -33.69
N ALA A 149 14.63 -7.39 -33.85
CA ALA A 149 14.51 -8.59 -33.01
C ALA A 149 15.61 -9.60 -33.33
N ILE A 150 15.92 -9.78 -34.62
CA ILE A 150 17.01 -10.66 -35.01
C ILE A 150 18.36 -10.07 -34.61
N ALA A 151 18.51 -8.74 -34.78
CA ALA A 151 19.77 -8.10 -34.41
C ALA A 151 20.00 -8.06 -32.90
N ARG A 152 18.94 -8.21 -32.10
CA ARG A 152 19.11 -8.33 -30.66
C ARG A 152 19.80 -9.65 -30.30
N ALA A 153 19.60 -10.68 -31.12
CA ALA A 153 20.19 -11.98 -30.86
C ALA A 153 21.61 -12.10 -31.40
N PHE A 154 22.09 -11.15 -32.20
CA PHE A 154 23.41 -11.24 -32.81
C PHE A 154 24.41 -10.27 -32.22
N VAL A 155 24.07 -9.62 -31.10
CA VAL A 155 25.04 -8.74 -30.45
C VAL A 155 26.16 -9.57 -29.83
N ASN A 156 25.85 -10.79 -29.42
CA ASN A 156 26.85 -11.76 -29.02
C ASN A 156 27.20 -12.61 -30.24
N ARG A 157 27.89 -13.73 -30.05
CA ARG A 157 28.14 -14.69 -31.10
C ARG A 157 27.57 -16.03 -30.65
N PRO A 158 26.25 -16.20 -30.70
CA PRO A 158 25.64 -17.42 -30.17
C PRO A 158 25.80 -18.58 -31.13
N LEU A 159 25.61 -19.78 -30.58
CA LEU A 159 25.62 -20.99 -31.38
C LEU A 159 24.25 -21.31 -31.96
N VAL A 160 23.21 -21.30 -31.12
CA VAL A 160 21.86 -21.64 -31.54
C VAL A 160 20.94 -20.52 -31.08
N LEU A 161 19.97 -20.16 -31.92
CA LEU A 161 18.96 -19.19 -31.58
C LEU A 161 17.59 -19.77 -31.87
N LEU A 162 16.65 -19.52 -30.96
CA LEU A 162 15.28 -19.97 -31.08
C LEU A 162 14.47 -18.91 -31.79
N ALA A 163 13.78 -19.29 -32.86
CA ALA A 163 12.91 -18.37 -33.59
C ALA A 163 11.59 -19.09 -33.85
N ASP A 164 10.62 -18.89 -32.96
CA ASP A 164 9.31 -19.51 -33.11
C ASP A 164 8.31 -18.51 -33.68
N GLU A 165 7.57 -18.94 -34.71
CA GLU A 165 6.58 -18.24 -35.54
C GLU A 165 6.96 -16.79 -35.89
N PRO A 166 8.10 -16.57 -36.55
CA PRO A 166 8.55 -15.19 -36.78
C PRO A 166 7.85 -14.48 -37.91
N THR A 167 6.92 -15.14 -38.60
CA THR A 167 6.23 -14.49 -39.72
C THR A 167 5.25 -13.43 -39.25
N GLY A 168 4.80 -13.49 -37.98
CA GLY A 168 3.99 -12.42 -37.44
C GLY A 168 2.58 -12.42 -37.97
N ASN A 169 2.14 -11.26 -38.44
CA ASN A 169 0.78 -11.02 -38.92
C ASN A 169 0.79 -10.22 -40.22
N LEU A 170 1.64 -10.62 -41.15
CA LEU A 170 1.90 -9.84 -42.35
C LEU A 170 1.94 -10.74 -43.57
N ASP A 171 1.92 -10.10 -44.75
CA ASP A 171 1.83 -10.81 -46.02
C ASP A 171 3.11 -11.60 -46.31
N PRO A 172 2.99 -12.74 -47.00
CA PRO A 172 4.17 -13.61 -47.19
C PRO A 172 5.25 -13.04 -48.10
N GLU A 173 4.91 -12.12 -49.00
CA GLU A 173 5.91 -11.52 -49.87
C GLU A 173 6.88 -10.64 -49.09
N THR A 174 6.45 -10.11 -47.95
CA THR A 174 7.32 -9.41 -47.03
C THR A 174 7.71 -10.27 -45.84
N SER A 175 7.42 -11.57 -45.89
CA SER A 175 7.89 -12.49 -44.86
C SER A 175 8.98 -13.43 -45.36
N ARG A 176 9.04 -13.68 -46.67
CA ARG A 176 10.04 -14.59 -47.21
C ARG A 176 11.45 -14.02 -47.11
N ASP A 177 11.58 -12.69 -47.04
CA ASP A 177 12.89 -12.07 -46.92
C ASP A 177 13.54 -12.32 -45.56
N ILE A 178 12.76 -12.57 -44.51
CA ILE A 178 13.34 -12.96 -43.22
C ILE A 178 14.03 -14.32 -43.33
N MET A 179 13.38 -15.29 -43.97
CA MET A 179 14.02 -16.58 -44.21
C MET A 179 15.19 -16.44 -45.19
N ASP A 180 15.06 -15.53 -46.15
CA ASP A 180 16.13 -15.29 -47.11
C ASP A 180 17.37 -14.72 -46.44
N LEU A 181 17.20 -13.79 -45.49
CA LEU A 181 18.35 -13.28 -44.77
C LEU A 181 18.88 -14.30 -43.77
N LEU A 182 17.99 -15.06 -43.13
CA LEU A 182 18.43 -16.09 -42.19
C LEU A 182 19.16 -17.24 -42.85
N GLU A 183 18.95 -17.46 -44.15
CA GLU A 183 19.63 -18.53 -44.87
C GLU A 183 21.13 -18.27 -44.97
N ARG A 184 21.54 -17.03 -45.20
CA ARG A 184 22.97 -16.74 -45.33
C ARG A 184 23.65 -16.53 -43.98
N ILE A 185 22.90 -16.57 -42.89
CA ILE A 185 23.49 -16.49 -41.55
C ILE A 185 23.97 -17.85 -41.09
N ASN A 186 23.46 -18.93 -41.67
CA ASN A 186 23.72 -20.27 -41.17
C ASN A 186 25.16 -20.69 -41.37
N ARG A 187 25.75 -20.34 -42.51
CA ARG A 187 27.12 -20.73 -42.78
C ARG A 187 28.14 -19.75 -42.20
N THR A 188 27.70 -18.74 -41.45
CA THR A 188 28.62 -17.89 -40.71
C THR A 188 29.24 -18.61 -39.52
N GLY A 189 28.60 -19.67 -39.02
CA GLY A 189 29.12 -20.41 -37.89
C GLY A 189 28.12 -20.56 -36.76
N THR A 190 26.83 -20.38 -37.08
CA THR A 190 25.77 -20.49 -36.09
C THR A 190 24.69 -21.41 -36.62
N THR A 191 23.89 -21.93 -35.68
CA THR A 191 22.80 -22.85 -35.99
C THR A 191 21.48 -22.13 -35.80
N VAL A 192 20.60 -22.22 -36.79
CA VAL A 192 19.30 -21.56 -36.74
C VAL A 192 18.24 -22.64 -36.56
N LEU A 193 17.42 -22.51 -35.53
CA LEU A 193 16.32 -23.43 -35.28
C LEU A 193 15.02 -22.67 -35.54
N MET A 194 14.17 -23.25 -36.39
CA MET A 194 12.93 -22.62 -36.84
C MET A 194 11.75 -23.36 -36.23
N ALA A 195 10.67 -22.62 -35.99
CA ALA A 195 9.48 -23.22 -35.39
C ALA A 195 8.25 -22.49 -35.92
N THR A 196 7.64 -23.05 -36.95
CA THR A 196 6.41 -22.49 -37.49
C THR A 196 5.53 -23.61 -38.06
N HIS A 197 4.22 -23.39 -37.98
CA HIS A 197 3.24 -24.35 -38.50
C HIS A 197 2.74 -23.92 -39.88
N ASP A 198 3.68 -23.78 -40.81
CA ASP A 198 3.36 -23.32 -42.15
C ASP A 198 3.95 -24.29 -43.18
N HIS A 199 3.32 -24.31 -44.35
CA HIS A 199 3.74 -25.18 -45.44
C HIS A 199 4.80 -24.46 -46.28
N HIS A 200 5.10 -25.05 -47.45
CA HIS A 200 6.14 -24.64 -48.42
C HIS A 200 7.49 -24.34 -47.75
N ILE A 201 7.86 -25.18 -46.79
CA ILE A 201 9.17 -25.11 -46.16
C ILE A 201 10.11 -26.17 -46.71
N VAL A 202 9.54 -27.32 -47.12
CA VAL A 202 10.32 -28.40 -47.70
C VAL A 202 10.90 -28.07 -49.07
N ASP A 203 10.40 -27.02 -49.72
CA ASP A 203 10.92 -26.56 -51.01
C ASP A 203 12.01 -25.51 -50.85
N SER A 204 12.51 -25.30 -49.64
CA SER A 204 13.58 -24.34 -49.38
C SER A 204 14.95 -24.98 -49.34
N MET A 205 15.10 -26.10 -48.61
CA MET A 205 16.39 -26.77 -48.50
C MET A 205 16.41 -28.19 -49.05
N ARG A 206 15.24 -28.85 -49.15
CA ARG A 206 15.07 -30.19 -49.75
C ARG A 206 15.95 -31.25 -49.08
N GLN A 207 15.69 -31.46 -47.79
CA GLN A 207 16.36 -32.49 -47.00
C GLN A 207 15.33 -33.28 -46.22
N ARG A 208 15.51 -34.58 -46.15
CA ARG A 208 14.54 -35.46 -45.49
C ARG A 208 14.68 -35.37 -43.98
N VAL A 209 13.56 -35.17 -43.29
CA VAL A 209 13.55 -35.05 -41.84
C VAL A 209 12.70 -36.18 -41.26
N VAL A 210 12.58 -36.20 -39.93
CA VAL A 210 11.79 -37.20 -39.23
C VAL A 210 10.43 -36.60 -38.88
N GLU A 211 9.48 -37.47 -38.55
CA GLU A 211 8.13 -37.07 -38.18
C GLU A 211 7.78 -37.70 -36.84
N LEU A 212 7.90 -36.93 -35.77
CA LEU A 212 7.63 -37.39 -34.41
C LEU A 212 6.66 -36.44 -33.72
N SER A 213 5.69 -37.01 -33.02
CA SER A 213 4.73 -36.19 -32.26
C SER A 213 4.65 -36.64 -30.81
N VAL B 8 -15.10 10.45 -44.34
CA VAL B 8 -14.50 11.42 -43.42
C VAL B 8 -12.98 11.31 -43.45
N THR B 9 -12.31 12.21 -42.73
CA THR B 9 -10.86 12.27 -42.72
C THR B 9 -10.34 12.37 -41.30
N LYS B 10 -9.20 11.73 -41.05
CA LYS B 10 -8.56 11.76 -39.75
C LYS B 10 -7.05 11.65 -39.95
N GLN B 11 -6.30 11.98 -38.90
CA GLN B 11 -4.85 11.82 -38.89
C GLN B 11 -4.44 11.09 -37.62
N TYR B 12 -3.85 9.91 -37.79
CA TYR B 12 -3.42 9.11 -36.65
C TYR B 12 -2.18 9.67 -35.97
N LYS B 13 -1.26 10.24 -36.73
CA LYS B 13 -0.02 10.79 -36.18
C LYS B 13 0.32 12.07 -36.94
N SER B 14 1.55 12.53 -36.78
CA SER B 14 2.04 13.73 -37.45
C SER B 14 2.95 13.39 -38.62
N SER B 15 2.71 12.25 -39.27
CA SER B 15 3.49 11.82 -40.41
C SER B 15 2.52 11.36 -41.50
N ALA B 16 3.07 10.81 -42.58
CA ALA B 16 2.24 10.37 -43.70
C ALA B 16 1.53 9.08 -43.34
N ARG B 17 0.21 9.05 -43.51
CA ARG B 17 -0.60 7.91 -43.16
C ARG B 17 -1.08 7.20 -44.42
N PRO B 18 -0.64 5.96 -44.69
CA PRO B 18 -1.09 5.27 -45.91
C PRO B 18 -2.47 4.64 -45.78
N ALA B 19 -3.06 4.63 -44.59
CA ALA B 19 -4.40 4.06 -44.40
C ALA B 19 -5.49 5.11 -44.56
N LEU B 20 -5.30 6.27 -43.94
CA LEU B 20 -6.27 7.37 -44.05
C LEU B 20 -6.05 8.08 -45.38
N ASP B 21 -6.62 7.49 -46.43
CA ASP B 21 -6.54 8.05 -47.77
C ASP B 21 -7.84 8.75 -48.16
N ASP B 22 -8.73 8.98 -47.18
CA ASP B 22 -10.09 9.50 -47.37
C ASP B 22 -10.88 8.65 -48.37
N ILE B 23 -10.76 7.34 -48.23
CA ILE B 23 -11.47 6.39 -49.08
C ILE B 23 -12.84 6.14 -48.51
N ASN B 24 -13.87 6.44 -49.29
CA ASN B 24 -15.26 6.30 -48.86
C ASN B 24 -15.89 5.15 -49.62
N VAL B 25 -15.81 3.95 -49.05
CA VAL B 25 -16.47 2.76 -49.59
C VAL B 25 -17.30 2.13 -48.47
N LYS B 26 -18.53 1.74 -48.80
CA LYS B 26 -19.42 1.16 -47.82
C LYS B 26 -20.42 0.26 -48.52
N ILE B 27 -20.75 -0.87 -47.89
CA ILE B 27 -21.77 -1.78 -48.40
C ILE B 27 -22.85 -1.93 -47.33
N ASP B 28 -22.45 -2.42 -46.15
CA ASP B 28 -23.27 -2.59 -44.95
C ASP B 28 -24.45 -3.54 -45.13
N LYS B 29 -24.50 -4.29 -46.23
CA LYS B 29 -25.52 -5.30 -46.45
C LYS B 29 -25.00 -6.54 -47.16
N GLY B 30 -23.70 -6.62 -47.42
CA GLY B 30 -23.15 -7.74 -48.15
C GLY B 30 -23.11 -9.01 -47.33
N GLU B 31 -22.93 -10.13 -48.03
CA GLU B 31 -22.92 -11.44 -47.38
C GLU B 31 -21.59 -11.70 -46.68
N PHE B 32 -20.50 -11.66 -47.44
CA PHE B 32 -19.17 -11.93 -46.87
C PHE B 32 -18.15 -11.14 -47.69
N VAL B 33 -17.82 -9.95 -47.21
CA VAL B 33 -16.82 -9.11 -47.85
C VAL B 33 -15.71 -8.85 -46.86
N PHE B 34 -14.50 -8.63 -47.37
CA PHE B 34 -13.34 -8.50 -46.49
C PHE B 34 -12.31 -7.60 -47.13
N LEU B 35 -11.40 -7.13 -46.28
CA LEU B 35 -10.41 -6.12 -46.64
C LEU B 35 -9.06 -6.76 -46.88
N ILE B 36 -8.48 -6.48 -48.03
CA ILE B 36 -7.13 -6.95 -48.35
C ILE B 36 -6.12 -6.01 -47.69
N GLY B 37 -5.23 -6.58 -46.88
CA GLY B 37 -4.29 -5.79 -46.13
C GLY B 37 -2.87 -5.91 -46.64
N PRO B 38 -2.33 -4.83 -47.19
CA PRO B 38 -0.92 -4.84 -47.62
C PRO B 38 0.06 -4.67 -46.48
N SER B 39 -0.29 -3.91 -45.45
CA SER B 39 0.63 -3.61 -44.36
C SER B 39 0.32 -4.34 -43.07
N GLY B 40 -0.92 -4.80 -42.88
CA GLY B 40 -1.29 -5.50 -41.67
C GLY B 40 -1.74 -4.56 -40.56
N SER B 41 -0.83 -3.68 -40.12
CA SER B 41 -1.18 -2.69 -39.12
C SER B 41 -2.13 -1.64 -39.67
N GLY B 42 -1.91 -1.22 -40.92
CA GLY B 42 -2.79 -0.26 -41.55
C GLY B 42 -4.15 -0.84 -41.92
N LYS B 43 -4.23 -2.15 -42.07
CA LYS B 43 -5.54 -2.78 -42.30
C LYS B 43 -6.37 -2.80 -41.02
N SER B 44 -5.72 -2.82 -39.86
CA SER B 44 -6.44 -2.87 -38.59
C SER B 44 -7.14 -1.56 -38.26
N THR B 45 -6.71 -0.45 -38.87
CA THR B 45 -7.35 0.83 -38.60
C THR B 45 -8.73 0.92 -39.26
N PHE B 46 -8.90 0.24 -40.39
CA PHE B 46 -10.20 0.23 -41.05
C PHE B 46 -11.22 -0.57 -40.25
N MET B 47 -10.77 -1.66 -39.63
CA MET B 47 -11.65 -2.41 -38.73
C MET B 47 -11.91 -1.63 -37.45
N ARG B 48 -10.90 -0.94 -36.94
CA ARG B 48 -11.05 -0.14 -35.73
C ARG B 48 -11.73 1.20 -35.98
N LEU B 49 -12.01 1.54 -37.25
CA LEU B 49 -12.73 2.78 -37.54
C LEU B 49 -14.19 2.66 -37.13
N LEU B 50 -14.74 1.45 -37.13
CA LEU B 50 -16.16 1.26 -36.87
C LEU B 50 -16.53 1.51 -35.40
N LEU B 51 -15.56 1.48 -34.49
CA LEU B 51 -15.82 1.79 -33.10
C LEU B 51 -14.56 2.33 -32.45
N ALA B 52 -14.72 3.48 -31.77
CA ALA B 52 -13.67 4.12 -30.95
C ALA B 52 -12.40 4.43 -31.73
N ALA B 53 -12.54 5.24 -32.78
CA ALA B 53 -11.41 5.72 -33.55
C ALA B 53 -11.28 7.23 -33.55
N GLU B 54 -12.34 7.95 -33.91
CA GLU B 54 -12.29 9.40 -33.99
C GLU B 54 -13.63 10.00 -33.59
N SER B 64 -23.72 0.23 -40.90
CA SER B 64 -24.21 0.17 -39.54
C SER B 64 -25.58 0.85 -39.41
N LYS B 65 -26.11 0.90 -38.19
CA LYS B 65 -27.42 1.53 -37.98
C LYS B 65 -27.33 3.03 -38.13
N PHE B 66 -26.20 3.63 -37.74
CA PHE B 66 -25.94 5.04 -37.90
C PHE B 66 -24.73 5.26 -38.79
N HIS B 67 -24.62 6.48 -39.33
CA HIS B 67 -23.58 6.80 -40.30
C HIS B 67 -22.26 7.04 -39.57
N VAL B 68 -21.36 6.05 -39.67
CA VAL B 68 -20.04 5.89 -39.04
C VAL B 68 -19.91 6.55 -37.67
N ASN B 69 -18.77 7.17 -37.39
CA ASN B 69 -18.49 7.81 -36.11
C ASN B 69 -19.05 9.21 -36.01
N LYS B 70 -19.78 9.69 -37.01
CA LYS B 70 -20.40 11.00 -36.95
C LYS B 70 -21.48 11.03 -35.87
N LEU B 71 -21.48 12.14 -35.12
CA LEU B 71 -22.38 12.39 -33.99
C LEU B 71 -22.25 11.28 -32.93
N ARG B 72 -21.07 11.23 -32.31
CA ARG B 72 -20.81 10.31 -31.23
C ARG B 72 -21.21 10.94 -29.90
N GLY B 73 -20.85 10.29 -28.78
CA GLY B 73 -21.18 10.80 -27.47
C GLY B 73 -21.34 9.73 -26.42
N ARG B 74 -22.42 9.81 -25.63
CA ARG B 74 -22.70 8.80 -24.62
C ARG B 74 -23.52 7.64 -25.16
N HIS B 75 -24.04 7.75 -26.39
CA HIS B 75 -24.77 6.67 -27.04
C HIS B 75 -23.86 5.79 -27.89
N VAL B 76 -22.55 5.96 -27.77
CA VAL B 76 -21.60 5.04 -28.42
C VAL B 76 -21.71 3.59 -27.90
N PRO B 77 -21.76 3.32 -26.58
CA PRO B 77 -21.89 1.90 -26.17
C PRO B 77 -23.22 1.26 -26.52
N LYS B 78 -24.26 2.04 -26.81
CA LYS B 78 -25.50 1.46 -27.29
C LYS B 78 -25.32 0.87 -28.68
N LEU B 79 -24.53 1.52 -29.52
CA LEU B 79 -24.28 1.03 -30.88
C LEU B 79 -23.10 0.08 -30.96
N ARG B 80 -22.18 0.11 -29.99
CA ARG B 80 -21.09 -0.85 -29.96
C ARG B 80 -21.54 -2.24 -29.49
N GLN B 81 -22.77 -2.37 -29.00
CA GLN B 81 -23.32 -3.65 -28.58
C GLN B 81 -23.96 -4.41 -29.73
N VAL B 82 -24.00 -3.85 -30.93
CA VAL B 82 -24.63 -4.47 -32.08
C VAL B 82 -23.60 -5.16 -32.97
N ILE B 83 -22.48 -4.49 -33.25
CA ILE B 83 -21.52 -5.04 -34.20
C ILE B 83 -20.68 -6.14 -33.56
N GLY B 84 -19.88 -5.80 -32.57
CA GLY B 84 -19.01 -6.78 -31.96
C GLY B 84 -17.78 -7.05 -32.81
N CYS B 85 -16.88 -7.86 -32.26
CA CYS B 85 -15.58 -8.05 -32.88
C CYS B 85 -14.96 -9.34 -32.37
N VAL B 86 -13.87 -9.74 -33.03
CA VAL B 86 -12.99 -10.79 -32.52
C VAL B 86 -11.55 -10.38 -32.82
N PHE B 87 -10.66 -10.59 -31.85
CA PHE B 87 -9.28 -10.20 -32.01
C PHE B 87 -8.51 -11.25 -32.80
N GLN B 88 -7.24 -10.93 -33.06
CA GLN B 88 -6.35 -11.92 -33.66
C GLN B 88 -6.05 -13.05 -32.71
N ASP B 89 -5.67 -12.73 -31.48
CA ASP B 89 -5.21 -13.72 -30.52
C ASP B 89 -5.91 -13.50 -29.19
N PHE B 90 -6.02 -14.61 -28.44
CA PHE B 90 -6.56 -14.67 -27.09
C PHE B 90 -8.00 -14.18 -27.00
N ARG B 91 -8.18 -12.97 -26.45
CA ARG B 91 -9.47 -12.48 -25.92
C ARG B 91 -10.05 -13.50 -24.93
N LEU B 92 -9.25 -13.87 -23.94
CA LEU B 92 -9.56 -15.00 -23.07
C LEU B 92 -9.41 -14.61 -21.62
N LEU B 93 -10.07 -15.39 -20.77
CA LEU B 93 -9.90 -15.35 -19.33
C LEU B 93 -9.90 -16.78 -18.80
N GLN B 94 -8.95 -17.09 -17.93
CA GLN B 94 -8.77 -18.44 -17.43
C GLN B 94 -9.42 -18.69 -16.08
N GLN B 95 -9.95 -17.66 -15.43
CA GLN B 95 -10.61 -17.86 -14.14
C GLN B 95 -11.95 -18.55 -14.32
N LYS B 96 -12.64 -18.27 -15.41
CA LYS B 96 -13.96 -18.82 -15.67
C LYS B 96 -13.84 -20.15 -16.41
N THR B 97 -14.97 -20.65 -16.92
CA THR B 97 -15.01 -21.84 -17.77
C THR B 97 -15.47 -21.44 -19.16
N VAL B 98 -15.55 -22.44 -20.05
CA VAL B 98 -15.91 -22.18 -21.43
C VAL B 98 -17.39 -21.78 -21.55
N TYR B 99 -18.26 -22.36 -20.71
CA TYR B 99 -19.64 -21.92 -20.66
C TYR B 99 -19.77 -20.50 -20.13
N ASP B 100 -19.01 -20.17 -19.08
CA ASP B 100 -19.02 -18.81 -18.57
C ASP B 100 -18.41 -17.84 -19.58
N ASN B 101 -17.39 -18.28 -20.32
CA ASN B 101 -16.81 -17.42 -21.35
C ASN B 101 -17.80 -17.14 -22.48
N VAL B 102 -18.55 -18.16 -22.90
CA VAL B 102 -19.44 -17.92 -24.04
C VAL B 102 -20.70 -17.18 -23.58
N ALA B 103 -21.10 -17.35 -22.32
CA ALA B 103 -22.28 -16.64 -21.82
C ALA B 103 -21.95 -15.35 -21.11
N PHE B 104 -20.67 -14.96 -21.08
CA PHE B 104 -20.27 -13.78 -20.32
C PHE B 104 -20.74 -12.49 -20.98
N ALA B 105 -20.83 -12.48 -22.31
CA ALA B 105 -21.35 -11.31 -23.01
C ALA B 105 -22.85 -11.43 -23.26
N LEU B 106 -23.59 -11.77 -22.21
CA LEU B 106 -25.05 -11.82 -22.28
C LEU B 106 -25.70 -11.04 -21.15
N GLU B 107 -25.12 -11.06 -19.96
CA GLU B 107 -25.65 -10.31 -18.82
C GLU B 107 -25.14 -8.88 -18.77
N VAL B 108 -24.10 -8.57 -19.54
CA VAL B 108 -23.57 -7.21 -19.54
C VAL B 108 -24.35 -6.30 -20.46
N ILE B 109 -25.18 -6.86 -21.34
CA ILE B 109 -26.05 -6.07 -22.19
C ILE B 109 -27.45 -5.94 -21.61
N GLY B 110 -27.81 -6.75 -20.62
CA GLY B 110 -29.11 -6.67 -20.01
C GLY B 110 -30.08 -7.71 -20.53
N LYS B 111 -30.29 -8.78 -19.76
CA LYS B 111 -31.21 -9.83 -20.14
C LYS B 111 -31.74 -10.50 -18.88
N ARG B 112 -32.89 -11.16 -19.02
CA ARG B 112 -33.45 -11.94 -17.94
C ARG B 112 -32.63 -13.21 -17.73
N THR B 113 -32.78 -13.79 -16.54
CA THR B 113 -32.07 -15.03 -16.22
C THR B 113 -32.57 -16.18 -17.08
N ASP B 114 -33.88 -16.21 -17.36
CA ASP B 114 -34.40 -17.18 -18.31
C ASP B 114 -34.01 -16.82 -19.74
N ALA B 115 -33.79 -15.53 -20.02
CA ALA B 115 -33.42 -15.11 -21.37
C ALA B 115 -31.99 -15.49 -21.71
N ILE B 116 -31.09 -15.48 -20.72
CA ILE B 116 -29.69 -15.82 -20.96
C ILE B 116 -29.54 -17.30 -21.30
N ASN B 117 -30.16 -18.16 -20.50
CA ASN B 117 -30.12 -19.59 -20.72
C ASN B 117 -31.40 -20.08 -21.38
N ARG B 118 -32.03 -19.20 -22.16
CA ARG B 118 -33.20 -19.58 -22.94
C ARG B 118 -32.81 -20.59 -24.02
N VAL B 119 -31.74 -20.32 -24.74
CA VAL B 119 -31.13 -21.30 -25.63
C VAL B 119 -29.61 -21.25 -25.44
N VAL B 120 -29.06 -22.30 -24.83
CA VAL B 120 -27.63 -22.48 -24.70
C VAL B 120 -26.97 -23.03 -25.97
N PRO B 121 -27.29 -24.23 -26.47
CA PRO B 121 -26.36 -24.86 -27.41
C PRO B 121 -26.55 -24.44 -28.85
N GLU B 122 -27.31 -23.38 -29.13
CA GLU B 122 -27.37 -22.84 -30.48
C GLU B 122 -26.03 -22.26 -30.88
N VAL B 123 -25.36 -21.58 -29.94
CA VAL B 123 -24.08 -20.97 -30.25
C VAL B 123 -22.97 -22.01 -30.32
N LEU B 124 -23.09 -23.11 -29.57
CA LEU B 124 -22.09 -24.15 -29.66
C LEU B 124 -22.40 -25.18 -30.75
N GLU B 125 -23.61 -25.16 -31.30
CA GLU B 125 -23.93 -26.05 -32.41
C GLU B 125 -23.48 -25.49 -33.75
N THR B 126 -23.20 -24.19 -33.81
CA THR B 126 -22.71 -23.56 -35.03
C THR B 126 -21.19 -23.52 -35.12
N VAL B 127 -20.49 -24.02 -34.10
CA VAL B 127 -19.03 -24.01 -34.10
C VAL B 127 -18.43 -25.38 -34.34
N GLY B 128 -19.22 -26.45 -34.29
CA GLY B 128 -18.71 -27.78 -34.50
C GLY B 128 -18.24 -28.48 -33.24
N LEU B 129 -18.10 -27.76 -32.13
CA LEU B 129 -17.80 -28.35 -30.84
C LEU B 129 -19.00 -28.13 -29.94
N SER B 130 -19.73 -29.20 -29.64
CA SER B 130 -20.92 -29.15 -28.82
C SER B 130 -20.72 -30.00 -27.58
N GLY B 131 -21.29 -29.56 -26.47
CA GLY B 131 -21.16 -30.27 -25.22
C GLY B 131 -19.82 -30.03 -24.56
N LYS B 132 -19.70 -30.60 -23.35
CA LYS B 132 -18.53 -30.46 -22.47
C LYS B 132 -18.23 -28.99 -22.19
N ALA B 133 -19.20 -28.33 -21.55
CA ALA B 133 -19.12 -26.91 -21.26
C ALA B 133 -18.46 -26.61 -19.93
N ASN B 134 -17.86 -27.61 -19.29
CA ASN B 134 -17.23 -27.41 -17.99
C ASN B 134 -15.71 -27.33 -18.07
N ARG B 135 -15.12 -27.33 -19.26
CA ARG B 135 -13.67 -27.21 -19.37
C ARG B 135 -13.21 -25.81 -19.03
N LEU B 136 -12.03 -25.74 -18.41
CA LEU B 136 -11.33 -24.47 -18.32
C LEU B 136 -10.80 -24.10 -19.70
N PRO B 137 -10.70 -22.80 -20.01
CA PRO B 137 -10.19 -22.38 -21.33
C PRO B 137 -8.74 -22.76 -21.58
N ASP B 138 -7.95 -23.01 -20.52
CA ASP B 138 -6.58 -23.45 -20.71
C ASP B 138 -6.48 -24.87 -21.24
N GLU B 139 -7.53 -25.68 -21.09
CA GLU B 139 -7.51 -27.06 -21.53
C GLU B 139 -7.93 -27.23 -22.98
N LEU B 140 -8.32 -26.16 -23.66
CA LEU B 140 -8.76 -26.26 -25.04
C LEU B 140 -7.57 -26.49 -25.97
N SER B 141 -7.86 -27.09 -27.13
CA SER B 141 -6.83 -27.32 -28.12
C SER B 141 -6.47 -26.00 -28.82
N GLY B 142 -5.26 -25.98 -29.39
CA GLY B 142 -4.77 -24.76 -30.03
C GLY B 142 -5.54 -24.39 -31.27
N GLY B 143 -5.90 -25.38 -32.09
CA GLY B 143 -6.68 -25.13 -33.29
C GLY B 143 -8.12 -24.72 -33.02
N GLU B 144 -8.68 -25.13 -31.90
CA GLU B 144 -10.02 -24.76 -31.49
C GLU B 144 -10.01 -23.72 -30.37
N GLN B 145 -8.89 -23.03 -30.18
CA GLN B 145 -8.75 -22.10 -29.07
C GLN B 145 -9.62 -20.87 -29.29
N GLN B 146 -9.56 -20.29 -30.49
CA GLN B 146 -10.35 -19.11 -30.80
C GLN B 146 -11.76 -19.46 -31.26
N ARG B 147 -12.11 -20.74 -31.25
CA ARG B 147 -13.46 -21.17 -31.56
C ARG B 147 -14.45 -20.65 -30.52
N VAL B 148 -14.03 -20.58 -29.26
CA VAL B 148 -14.90 -20.00 -28.22
C VAL B 148 -15.04 -18.50 -28.43
N ALA B 149 -14.03 -17.85 -29.01
CA ALA B 149 -14.13 -16.42 -29.29
C ALA B 149 -15.08 -16.16 -30.45
N ILE B 150 -15.03 -17.02 -31.47
CA ILE B 150 -15.98 -16.92 -32.58
C ILE B 150 -17.40 -17.19 -32.10
N ALA B 151 -17.55 -18.14 -31.16
CA ALA B 151 -18.86 -18.41 -30.57
C ALA B 151 -19.36 -17.22 -29.76
N ARG B 152 -18.49 -16.56 -29.01
CA ARG B 152 -18.86 -15.38 -28.25
C ARG B 152 -19.18 -14.21 -29.16
N ALA B 153 -18.59 -14.15 -30.34
CA ALA B 153 -18.84 -13.07 -31.29
C ALA B 153 -20.26 -13.06 -31.84
N PHE B 154 -20.98 -14.18 -31.77
CA PHE B 154 -22.35 -14.23 -32.30
C PHE B 154 -23.30 -14.88 -31.31
N VAL B 155 -23.23 -14.50 -30.03
CA VAL B 155 -24.15 -15.05 -29.04
C VAL B 155 -25.56 -14.51 -29.25
N ASN B 156 -25.69 -13.24 -29.61
CA ASN B 156 -26.95 -12.67 -30.05
C ASN B 156 -26.82 -12.32 -31.52
N ARG B 157 -27.92 -11.88 -32.10
CA ARG B 157 -27.93 -11.55 -33.52
C ARG B 157 -27.25 -10.20 -33.75
N PRO B 158 -26.17 -10.14 -34.52
CA PRO B 158 -25.56 -8.85 -34.82
C PRO B 158 -26.06 -8.28 -36.15
N LEU B 159 -25.67 -7.06 -36.47
CA LEU B 159 -25.89 -6.51 -37.80
C LEU B 159 -24.64 -6.55 -38.65
N VAL B 160 -23.47 -6.59 -38.02
CA VAL B 160 -22.18 -6.70 -38.70
C VAL B 160 -21.25 -7.50 -37.79
N LEU B 161 -20.07 -7.83 -38.30
CA LEU B 161 -19.05 -8.51 -37.50
C LEU B 161 -17.70 -8.21 -38.12
N LEU B 162 -16.89 -7.41 -37.43
CA LEU B 162 -15.56 -7.05 -37.90
C LEU B 162 -14.57 -8.05 -37.33
N ALA B 163 -14.25 -9.07 -38.10
CA ALA B 163 -13.31 -10.11 -37.67
C ALA B 163 -11.91 -9.70 -38.05
N ASP B 164 -11.29 -8.87 -37.20
CA ASP B 164 -9.94 -8.38 -37.44
C ASP B 164 -8.96 -9.52 -37.20
N GLU B 165 -8.49 -10.08 -38.31
CA GLU B 165 -7.58 -11.22 -38.35
C GLU B 165 -8.12 -12.43 -37.59
N PRO B 166 -9.25 -12.99 -38.01
CA PRO B 166 -9.81 -14.14 -37.28
C PRO B 166 -9.03 -15.42 -37.48
N THR B 167 -8.25 -15.52 -38.56
CA THR B 167 -7.40 -16.70 -38.74
C THR B 167 -6.28 -16.74 -37.71
N GLY B 168 -5.55 -15.63 -37.58
CA GLY B 168 -4.52 -15.46 -36.57
C GLY B 168 -3.37 -16.45 -36.74
N ASN B 169 -2.85 -16.91 -35.60
CA ASN B 169 -1.84 -17.95 -35.56
C ASN B 169 -2.55 -19.29 -35.39
N LEU B 170 -2.68 -20.04 -36.48
CA LEU B 170 -3.37 -21.32 -36.44
C LEU B 170 -2.85 -22.19 -37.58
N ASP B 171 -3.11 -23.49 -37.48
CA ASP B 171 -2.73 -24.42 -38.52
C ASP B 171 -3.60 -24.20 -39.76
N PRO B 172 -3.08 -24.56 -40.94
CA PRO B 172 -3.84 -24.32 -42.17
C PRO B 172 -5.14 -25.08 -42.27
N GLU B 173 -5.19 -26.32 -41.75
CA GLU B 173 -6.45 -27.05 -41.69
C GLU B 173 -7.40 -26.39 -40.70
N THR B 174 -6.90 -25.97 -39.54
CA THR B 174 -7.74 -25.29 -38.56
C THR B 174 -8.16 -23.92 -39.07
N SER B 175 -7.29 -23.24 -39.83
CA SER B 175 -7.67 -21.96 -40.42
C SER B 175 -8.75 -22.13 -41.49
N ARG B 176 -8.66 -23.22 -42.27
CA ARG B 176 -9.70 -23.51 -43.25
C ARG B 176 -11.02 -23.86 -42.56
N ASP B 177 -10.94 -24.57 -41.43
CA ASP B 177 -12.14 -24.87 -40.66
C ASP B 177 -12.76 -23.61 -40.07
N ILE B 178 -11.93 -22.69 -39.58
CA ILE B 178 -12.43 -21.44 -39.02
C ILE B 178 -13.04 -20.56 -40.11
N MET B 179 -12.43 -20.56 -41.30
CA MET B 179 -12.97 -19.81 -42.42
C MET B 179 -14.29 -20.41 -42.90
N ASP B 180 -14.40 -21.73 -42.88
CA ASP B 180 -15.66 -22.39 -43.24
C ASP B 180 -16.75 -22.08 -42.22
N LEU B 181 -16.38 -22.06 -40.93
CA LEU B 181 -17.34 -21.71 -39.89
C LEU B 181 -17.79 -20.26 -40.03
N LEU B 182 -16.88 -19.35 -40.37
CA LEU B 182 -17.23 -17.97 -40.60
C LEU B 182 -18.12 -17.81 -41.84
N GLU B 183 -17.83 -18.56 -42.90
CA GLU B 183 -18.63 -18.46 -44.12
C GLU B 183 -19.96 -19.19 -44.00
N ARG B 184 -20.13 -20.01 -42.95
CA ARG B 184 -21.41 -20.63 -42.71
C ARG B 184 -22.26 -19.89 -41.67
N ILE B 185 -21.63 -19.21 -40.71
CA ILE B 185 -22.39 -18.53 -39.65
C ILE B 185 -23.10 -17.29 -40.18
N ASN B 186 -22.63 -16.70 -41.27
CA ASN B 186 -23.26 -15.51 -41.82
C ASN B 186 -24.38 -15.85 -42.81
N ARG B 187 -24.81 -17.10 -42.86
CA ARG B 187 -25.95 -17.49 -43.69
C ARG B 187 -27.27 -16.94 -43.15
N THR B 188 -27.30 -16.49 -41.90
CA THR B 188 -28.46 -15.77 -41.38
C THR B 188 -28.63 -14.41 -42.03
N GLY B 189 -27.53 -13.78 -42.45
CA GLY B 189 -27.63 -12.48 -43.11
C GLY B 189 -26.74 -11.41 -42.51
N THR B 190 -25.73 -11.81 -41.75
CA THR B 190 -24.77 -10.87 -41.18
C THR B 190 -23.65 -10.61 -42.19
N THR B 191 -22.62 -9.89 -41.73
CA THR B 191 -21.49 -9.56 -42.58
C THR B 191 -20.21 -9.73 -41.80
N VAL B 192 -19.29 -10.55 -42.32
CA VAL B 192 -18.05 -10.89 -41.64
C VAL B 192 -16.88 -10.32 -42.43
N LEU B 193 -16.15 -9.39 -41.83
CA LEU B 193 -15.02 -8.71 -42.46
C LEU B 193 -13.72 -9.33 -41.98
N MET B 194 -13.15 -10.22 -42.79
CA MET B 194 -11.84 -10.79 -42.51
C MET B 194 -10.75 -9.76 -42.79
N ALA B 195 -9.58 -10.01 -42.19
CA ALA B 195 -8.36 -9.30 -42.54
C ALA B 195 -7.37 -10.31 -43.12
N THR B 196 -6.72 -9.92 -44.22
CA THR B 196 -5.91 -10.85 -45.00
C THR B 196 -4.49 -10.93 -44.47
N HIS B 197 -3.98 -12.15 -44.35
CA HIS B 197 -2.58 -12.39 -44.03
C HIS B 197 -1.82 -13.10 -45.13
N ASP B 198 -2.50 -13.88 -45.98
CA ASP B 198 -1.88 -14.58 -47.09
C ASP B 198 -2.60 -14.21 -48.38
N HIS B 199 -2.17 -14.82 -49.49
CA HIS B 199 -2.86 -14.65 -50.76
C HIS B 199 -2.99 -15.97 -51.51
N HIS B 200 -3.14 -17.09 -50.80
CA HIS B 200 -3.45 -18.37 -51.42
C HIS B 200 -4.63 -19.07 -50.77
N ILE B 201 -5.14 -18.55 -49.65
CA ILE B 201 -6.33 -19.10 -49.01
C ILE B 201 -7.49 -18.11 -49.06
N VAL B 202 -7.22 -16.84 -48.78
CA VAL B 202 -8.28 -15.84 -48.64
C VAL B 202 -8.85 -15.40 -49.99
N ASP B 203 -8.19 -15.77 -51.09
CA ASP B 203 -8.72 -15.51 -52.43
C ASP B 203 -9.14 -16.81 -53.10
N SER B 204 -9.74 -17.71 -52.33
CA SER B 204 -10.11 -19.04 -52.83
C SER B 204 -11.55 -19.38 -52.49
N MET B 205 -12.44 -18.39 -52.45
CA MET B 205 -13.87 -18.67 -52.26
C MET B 205 -14.76 -17.79 -53.12
N ARG B 206 -14.18 -16.91 -53.94
CA ARG B 206 -14.87 -15.97 -54.84
C ARG B 206 -15.84 -15.07 -54.05
N GLN B 207 -15.24 -14.23 -53.21
CA GLN B 207 -15.97 -13.16 -52.52
C GLN B 207 -15.22 -11.84 -52.71
N ARG B 208 -15.92 -10.74 -52.48
CA ARG B 208 -15.39 -9.44 -52.85
C ARG B 208 -14.28 -8.99 -51.90
N VAL B 209 -13.39 -8.16 -52.45
CA VAL B 209 -12.26 -7.59 -51.72
C VAL B 209 -12.30 -6.08 -51.90
N VAL B 210 -11.28 -5.37 -51.41
CA VAL B 210 -11.20 -3.92 -51.57
C VAL B 210 -9.91 -3.55 -52.27
N GLU B 211 -9.92 -2.36 -52.87
CA GLU B 211 -8.74 -1.77 -53.51
C GLU B 211 -8.44 -0.45 -52.82
N LEU B 212 -7.20 -0.30 -52.35
CA LEU B 212 -6.84 0.81 -51.48
C LEU B 212 -5.35 1.04 -51.59
N SER B 213 -4.86 2.03 -50.86
CA SER B 213 -3.44 2.33 -50.82
C SER B 213 -2.92 2.39 -49.39
N GLY C 4 -27.80 -4.68 -10.18
CA GLY C 4 -28.07 -5.20 -8.86
C GLY C 4 -28.46 -6.66 -8.87
N PHE C 5 -28.78 -7.18 -10.06
CA PHE C 5 -29.15 -8.59 -10.18
C PHE C 5 -27.97 -9.51 -9.91
N LEU C 6 -26.78 -9.13 -10.37
CA LEU C 6 -25.58 -9.91 -10.12
C LEU C 6 -24.89 -9.34 -8.88
N LEU C 7 -24.52 -10.21 -7.95
CA LEU C 7 -23.90 -9.81 -6.70
C LEU C 7 -22.63 -10.59 -6.36
N ASN C 8 -22.42 -11.77 -6.93
CA ASN C 8 -21.30 -12.64 -6.58
C ASN C 8 -20.16 -12.54 -7.57
N GLU C 9 -19.93 -11.35 -8.13
CA GLU C 9 -18.88 -11.16 -9.12
C GLU C 9 -17.75 -10.28 -8.63
N VAL C 10 -17.95 -9.49 -7.58
CA VAL C 10 -16.86 -8.71 -7.01
C VAL C 10 -15.95 -9.58 -6.16
N LEU C 11 -16.42 -10.75 -5.74
CA LEU C 11 -15.60 -11.70 -4.99
C LEU C 11 -14.55 -12.38 -5.86
N THR C 12 -14.69 -12.29 -7.18
CA THR C 12 -13.66 -12.82 -8.08
C THR C 12 -12.34 -12.09 -7.89
N GLY C 13 -12.40 -10.77 -7.69
CA GLY C 13 -11.19 -10.01 -7.41
C GLY C 13 -10.56 -10.40 -6.08
N PHE C 14 -11.39 -10.63 -5.05
CA PHE C 14 -10.87 -11.06 -3.76
C PHE C 14 -10.25 -12.45 -3.85
N ARG C 15 -10.87 -13.35 -4.60
CA ARG C 15 -10.27 -14.67 -4.75
C ARG C 15 -9.02 -14.62 -5.62
N ARG C 16 -8.90 -13.59 -6.48
CA ARG C 16 -7.63 -13.40 -7.19
C ARG C 16 -6.53 -12.94 -6.24
N ASN C 17 -6.80 -11.93 -5.42
CA ASN C 17 -5.77 -11.49 -4.47
C ASN C 17 -6.32 -11.13 -3.08
N VAL C 18 -6.53 -12.17 -2.25
CA VAL C 18 -6.60 -11.95 -0.80
C VAL C 18 -5.31 -11.33 -0.30
N THR C 19 -4.17 -11.94 -0.64
CA THR C 19 -2.89 -11.59 -0.03
C THR C 19 -2.39 -10.21 -0.46
N MET C 20 -2.89 -9.68 -1.57
CA MET C 20 -2.52 -8.32 -1.94
C MET C 20 -3.68 -7.32 -1.86
N THR C 21 -4.96 -7.72 -1.98
CA THR C 21 -6.07 -6.82 -1.65
C THR C 21 -6.09 -6.48 -0.17
N ILE C 22 -5.55 -7.35 0.71
CA ILE C 22 -5.59 -7.13 2.15
C ILE C 22 -4.75 -5.94 2.59
N ALA C 23 -3.83 -5.47 1.72
CA ALA C 23 -2.84 -4.44 2.01
C ALA C 23 -3.41 -3.09 2.38
N MET C 24 -4.67 -2.83 2.06
CA MET C 24 -5.23 -1.51 2.32
C MET C 24 -6.12 -1.48 3.55
N ILE C 25 -6.79 -2.59 3.83
CA ILE C 25 -7.73 -2.61 4.95
C ILE C 25 -7.03 -2.22 6.26
N LEU C 26 -5.85 -2.77 6.49
CA LEU C 26 -5.12 -2.42 7.69
C LEU C 26 -4.34 -1.11 7.54
N THR C 27 -4.23 -0.57 6.33
CA THR C 27 -3.51 0.68 6.11
C THR C 27 -4.44 1.88 6.25
N THR C 28 -5.66 1.80 5.73
CA THR C 28 -6.64 2.84 5.97
C THR C 28 -7.20 2.80 7.39
N ALA C 29 -6.92 1.74 8.14
CA ALA C 29 -7.38 1.63 9.52
C ALA C 29 -6.80 2.73 10.39
N ILE C 30 -5.52 3.03 10.22
CA ILE C 30 -4.93 4.13 10.99
C ILE C 30 -5.41 5.47 10.45
N SER C 31 -5.81 5.51 9.19
CA SER C 31 -6.22 6.78 8.61
C SER C 31 -7.63 7.16 9.04
N VAL C 32 -8.47 6.18 9.35
CA VAL C 32 -9.82 6.48 9.79
C VAL C 32 -9.98 6.34 11.30
N GLY C 33 -9.11 5.58 11.98
CA GLY C 33 -9.21 5.46 13.41
C GLY C 33 -8.49 6.54 14.19
N LEU C 34 -7.48 7.18 13.58
CA LEU C 34 -6.85 8.30 14.26
C LEU C 34 -7.77 9.51 14.31
N PHE C 35 -8.61 9.68 13.28
CA PHE C 35 -9.68 10.67 13.36
C PHE C 35 -10.66 10.34 14.47
N GLY C 36 -10.97 9.04 14.65
CA GLY C 36 -11.84 8.64 15.75
C GLY C 36 -11.23 8.92 17.10
N GLY C 37 -9.93 8.65 17.25
CA GLY C 37 -9.25 8.96 18.50
C GLY C 37 -9.14 10.45 18.76
N GLY C 38 -8.90 11.23 17.70
CA GLY C 38 -8.82 12.67 17.85
C GLY C 38 -10.16 13.31 18.18
N MET C 39 -11.24 12.78 17.62
CA MET C 39 -12.57 13.23 18.04
C MET C 39 -12.89 12.74 19.44
N LEU C 40 -12.37 11.57 19.82
CA LEU C 40 -12.65 11.01 21.14
C LEU C 40 -11.99 11.82 22.25
N VAL C 41 -10.74 12.24 22.05
CA VAL C 41 -10.07 13.02 23.09
C VAL C 41 -10.68 14.41 23.21
N VAL C 42 -11.13 15.01 22.10
CA VAL C 42 -11.82 16.29 22.18
C VAL C 42 -13.17 16.13 22.86
N ARG C 43 -13.86 15.02 22.59
CA ARG C 43 -15.16 14.77 23.22
C ARG C 43 -15.01 14.57 24.72
N LEU C 44 -13.95 13.89 25.16
CA LEU C 44 -13.76 13.74 26.60
C LEU C 44 -13.21 15.01 27.23
N ALA C 45 -12.44 15.80 26.50
CA ALA C 45 -11.94 17.06 27.02
C ALA C 45 -13.07 18.06 27.24
N ASP C 46 -14.03 18.10 26.32
CA ASP C 46 -15.15 19.02 26.46
C ASP C 46 -16.06 18.62 27.62
N SER C 47 -16.13 17.33 27.92
CA SER C 47 -16.86 16.90 29.12
C SER C 47 -16.05 17.18 30.38
N SER C 48 -14.72 17.06 30.32
CA SER C 48 -13.90 17.26 31.50
C SER C 48 -13.74 18.74 31.85
N ARG C 49 -13.99 19.64 30.89
CA ARG C 49 -13.86 21.07 31.17
C ARG C 49 -14.93 21.59 32.13
N ALA C 50 -15.99 20.83 32.37
CA ALA C 50 -17.07 21.30 33.24
C ALA C 50 -16.64 21.29 34.71
N ILE C 51 -15.86 20.28 35.12
CA ILE C 51 -15.55 20.15 36.54
C ILE C 51 -14.49 21.13 36.99
N TYR C 52 -13.75 21.75 36.08
CA TYR C 52 -12.72 22.70 36.44
C TYR C 52 -13.30 24.10 36.45
N LEU C 53 -12.44 25.10 36.53
CA LEU C 53 -12.80 26.50 36.37
C LEU C 53 -12.20 27.02 35.08
N ASP C 54 -12.45 28.29 34.80
CA ASP C 54 -11.95 28.90 33.57
C ASP C 54 -10.47 29.25 33.66
N ARG C 55 -10.06 30.26 32.89
CA ARG C 55 -8.66 30.68 32.89
C ARG C 55 -8.29 31.51 34.12
N VAL C 56 -9.15 32.43 34.52
CA VAL C 56 -8.93 33.27 35.69
C VAL C 56 -10.09 33.11 36.68
N GLU C 57 -9.80 32.51 37.84
CA GLU C 57 -10.83 32.27 38.83
C GLU C 57 -10.18 32.07 40.20
N SER C 58 -10.93 32.39 41.24
CA SER C 58 -10.52 32.18 42.62
C SER C 58 -11.68 31.59 43.40
N GLN C 59 -11.37 30.93 44.51
CA GLN C 59 -12.37 30.38 45.40
C GLN C 59 -12.11 30.86 46.81
N VAL C 60 -13.17 31.22 47.52
CA VAL C 60 -13.08 31.76 48.88
C VAL C 60 -13.80 30.80 49.81
N PHE C 61 -13.03 29.91 50.46
CA PHE C 61 -13.56 28.95 51.41
C PHE C 61 -13.00 29.17 52.82
N LEU C 62 -12.51 30.37 53.11
CA LEU C 62 -11.90 30.63 54.41
C LEU C 62 -12.95 30.69 55.51
N THR C 63 -14.05 31.40 55.27
CA THR C 63 -15.13 31.53 56.23
C THR C 63 -16.38 30.87 55.67
N GLU C 64 -17.03 30.05 56.50
CA GLU C 64 -18.26 29.37 56.11
C GLU C 64 -19.37 29.47 57.14
N ASP C 65 -19.05 29.75 58.41
CA ASP C 65 -20.11 29.88 59.41
C ASP C 65 -20.88 31.18 59.25
N VAL C 66 -20.27 32.20 58.63
CA VAL C 66 -20.97 33.45 58.39
C VAL C 66 -21.94 33.30 57.23
N SER C 67 -21.72 32.31 56.36
CA SER C 67 -22.69 32.01 55.32
C SER C 67 -23.93 31.35 55.91
N ALA C 68 -23.73 30.37 56.80
CA ALA C 68 -24.77 29.63 57.55
C ALA C 68 -25.71 28.97 56.54
N ASN C 69 -27.00 29.31 56.52
CA ASN C 69 -27.94 28.80 55.54
C ASN C 69 -28.61 29.89 54.74
N ASP C 70 -28.27 31.16 54.98
CA ASP C 70 -28.89 32.25 54.24
C ASP C 70 -28.35 32.30 52.81
N SER C 71 -29.23 32.65 51.87
CA SER C 71 -28.83 32.71 50.47
C SER C 71 -28.00 33.96 50.21
N SER C 72 -28.60 35.13 50.38
CA SER C 72 -27.90 36.38 50.18
C SER C 72 -26.98 36.66 51.36
N CYS C 73 -25.73 37.02 51.06
CA CYS C 73 -24.75 37.34 52.10
C CYS C 73 -24.92 38.81 52.50
N ASP C 74 -26.02 39.07 53.22
CA ASP C 74 -26.31 40.40 53.73
C ASP C 74 -26.77 40.33 55.18
N THR C 75 -26.31 39.32 55.92
CA THR C 75 -26.71 39.08 57.30
C THR C 75 -25.54 39.42 58.21
N THR C 76 -25.60 40.60 58.83
CA THR C 76 -24.61 41.15 59.75
C THR C 76 -23.21 41.19 59.13
N ALA C 77 -22.34 40.26 59.54
CA ALA C 77 -20.99 40.22 59.02
C ALA C 77 -20.94 39.67 57.60
N CYS C 78 -21.97 38.95 57.17
CA CYS C 78 -21.99 38.43 55.80
C CYS C 78 -22.10 39.56 54.78
N LYS C 79 -22.77 40.65 55.17
CA LYS C 79 -22.81 41.84 54.32
C LYS C 79 -21.42 42.44 54.14
N ALA C 80 -20.63 42.50 55.22
CA ALA C 80 -19.27 43.01 55.12
C ALA C 80 -18.38 42.07 54.31
N LEU C 81 -18.53 40.76 54.52
CA LEU C 81 -17.72 39.79 53.78
C LEU C 81 -18.06 39.75 52.30
N ARG C 82 -19.32 40.00 51.95
CA ARG C 82 -19.66 40.11 50.54
C ARG C 82 -19.25 41.46 49.96
N GLU C 83 -19.31 42.52 50.75
CA GLU C 83 -18.97 43.85 50.24
C GLU C 83 -17.48 44.03 50.07
N LYS C 84 -16.66 43.32 50.86
CA LYS C 84 -15.22 43.48 50.76
C LYS C 84 -14.61 42.81 49.53
N ILE C 85 -15.37 41.99 48.81
CA ILE C 85 -14.83 41.31 47.65
C ILE C 85 -14.58 42.28 46.51
N GLU C 86 -15.55 43.16 46.24
CA GLU C 86 -15.44 44.10 45.13
C GLU C 86 -14.72 45.39 45.50
N THR C 87 -14.23 45.50 46.74
CA THR C 87 -13.46 46.66 47.13
C THR C 87 -12.12 46.72 46.42
N ARG C 88 -11.54 45.57 46.10
CA ARG C 88 -10.28 45.52 45.39
C ARG C 88 -10.46 45.88 43.92
N SER C 89 -9.39 46.41 43.32
CA SER C 89 -9.44 46.90 41.96
C SER C 89 -9.01 45.87 40.94
N ASP C 90 -8.58 44.68 41.36
CA ASP C 90 -8.12 43.64 40.44
C ASP C 90 -9.16 42.55 40.26
N VAL C 91 -10.44 42.90 40.34
CA VAL C 91 -11.55 41.97 40.13
C VAL C 91 -12.47 42.57 39.08
N LYS C 92 -13.37 41.73 38.56
CA LYS C 92 -14.39 42.19 37.63
C LYS C 92 -15.80 42.08 38.18
N ALA C 93 -16.21 40.90 38.64
CA ALA C 93 -17.58 40.73 39.13
C ALA C 93 -17.57 39.80 40.34
N VAL C 94 -18.59 39.95 41.16
CA VAL C 94 -18.73 39.17 42.38
C VAL C 94 -19.98 38.31 42.28
N ARG C 95 -19.95 37.17 42.97
CA ARG C 95 -21.06 36.23 42.97
C ARG C 95 -20.93 35.32 44.18
N PHE C 96 -22.03 34.64 44.50
CA PHE C 96 -22.08 33.76 45.66
C PHE C 96 -23.06 32.63 45.38
N LEU C 97 -22.90 31.54 46.12
CA LEU C 97 -23.80 30.41 46.05
C LEU C 97 -24.34 30.10 47.43
N ASN C 98 -25.59 29.65 47.47
CA ASN C 98 -26.27 29.38 48.72
C ASN C 98 -25.92 27.98 49.24
N ARG C 99 -26.59 27.57 50.31
CA ARG C 99 -26.38 26.22 50.85
C ARG C 99 -26.99 25.17 49.95
N GLN C 100 -28.00 25.54 49.17
CA GLN C 100 -28.62 24.60 48.23
C GLN C 100 -27.65 24.25 47.09
N GLN C 101 -26.78 25.18 46.72
CA GLN C 101 -25.78 24.93 45.68
C GLN C 101 -24.50 24.33 46.27
N ALA C 102 -24.67 23.21 46.99
CA ALA C 102 -23.56 22.52 47.62
C ALA C 102 -23.58 21.02 47.40
N TYR C 103 -24.72 20.41 47.10
CA TYR C 103 -24.83 18.99 46.84
C TYR C 103 -25.34 18.68 45.45
N ASP C 104 -26.14 19.57 44.86
CA ASP C 104 -26.62 19.36 43.49
C ASP C 104 -25.48 19.54 42.48
N ASP C 105 -24.66 20.57 42.67
CA ASP C 105 -23.50 20.78 41.81
C ASP C 105 -22.41 19.76 42.06
N ALA C 106 -22.38 19.15 43.25
CA ALA C 106 -21.44 18.08 43.55
C ALA C 106 -21.97 16.71 43.15
N ILE C 107 -23.17 16.64 42.57
CA ILE C 107 -23.74 15.41 42.05
C ILE C 107 -23.92 15.47 40.54
N ARG C 108 -24.34 16.63 40.02
CA ARG C 108 -24.52 16.78 38.58
C ARG C 108 -23.18 16.81 37.87
N LYS C 109 -22.22 17.58 38.40
CA LYS C 109 -20.88 17.61 37.82
C LYS C 109 -20.07 16.38 38.19
N PHE C 110 -20.44 15.67 39.26
CA PHE C 110 -19.70 14.49 39.73
C PHE C 110 -20.65 13.29 39.74
N PRO C 111 -20.73 12.53 38.64
CA PRO C 111 -21.51 11.30 38.66
C PRO C 111 -20.83 10.15 39.40
N GLN C 112 -19.59 10.33 39.87
CA GLN C 112 -18.91 9.29 40.62
C GLN C 112 -19.62 9.02 41.95
N PHE C 113 -20.06 10.07 42.62
CA PHE C 113 -20.89 9.94 43.81
C PHE C 113 -21.90 11.06 43.84
N LYS C 114 -23.14 10.71 44.19
CA LYS C 114 -24.21 11.69 44.32
C LYS C 114 -24.76 11.78 45.74
N ASP C 115 -24.27 10.96 46.65
CA ASP C 115 -24.75 10.95 48.03
C ASP C 115 -23.58 11.13 48.99
N VAL C 116 -23.85 10.93 50.30
CA VAL C 116 -22.92 11.04 51.41
C VAL C 116 -22.27 12.42 51.45
N ALA C 117 -23.07 13.45 51.18
CA ALA C 117 -22.62 14.83 51.27
C ALA C 117 -23.44 15.64 52.27
N GLY C 118 -24.76 15.55 52.20
CA GLY C 118 -25.63 16.24 53.13
C GLY C 118 -25.80 17.72 52.91
N LYS C 119 -25.25 18.25 51.80
CA LYS C 119 -25.24 19.69 51.46
C LYS C 119 -24.60 20.51 52.58
N ASP C 120 -23.54 19.98 53.19
CA ASP C 120 -22.83 20.66 54.25
C ASP C 120 -21.32 20.62 54.10
N SER C 121 -20.75 19.66 53.37
CA SER C 121 -19.31 19.61 53.18
C SER C 121 -18.82 20.70 52.24
N PHE C 122 -19.67 21.13 51.30
CA PHE C 122 -19.30 22.18 50.38
C PHE C 122 -19.78 23.52 50.93
N PRO C 123 -18.89 24.44 51.26
CA PRO C 123 -19.31 25.74 51.78
C PRO C 123 -19.76 26.70 50.69
N ALA C 124 -19.99 27.96 51.06
CA ALA C 124 -20.33 28.99 50.08
C ALA C 124 -19.14 29.26 49.16
N SER C 125 -19.44 29.54 47.90
CA SER C 125 -18.38 29.65 46.89
C SER C 125 -17.63 30.97 47.01
N PHE C 126 -18.36 32.09 46.86
CA PHE C 126 -17.81 33.45 46.83
C PHE C 126 -16.73 33.60 45.75
N ILE C 127 -16.95 32.96 44.61
CA ILE C 127 -15.92 32.89 43.58
C ILE C 127 -15.85 34.21 42.82
N VAL C 128 -14.68 34.49 42.27
CA VAL C 128 -14.39 35.79 41.67
C VAL C 128 -13.30 35.58 40.61
N LYS C 129 -13.32 36.42 39.59
CA LYS C 129 -12.33 36.38 38.53
C LYS C 129 -11.50 37.65 38.54
N LEU C 130 -10.28 37.54 38.03
CA LEU C 130 -9.28 38.59 38.07
C LEU C 130 -8.77 38.83 36.66
N GLU C 131 -7.76 39.70 36.53
CA GLU C 131 -7.20 40.02 35.22
C GLU C 131 -5.92 39.24 34.93
N ASN C 132 -4.89 39.43 35.76
CA ASN C 132 -3.62 38.78 35.51
C ASN C 132 -3.45 37.48 36.30
N PRO C 133 -3.33 36.34 35.62
CA PRO C 133 -3.19 35.05 36.34
C PRO C 133 -1.73 34.73 36.66
N GLU C 134 -1.11 35.63 37.41
CA GLU C 134 0.31 35.50 37.72
C GLU C 134 0.61 35.51 39.22
N GLN C 135 -0.07 36.33 40.00
CA GLN C 135 0.25 36.42 41.41
C GLN C 135 -0.29 35.23 42.20
N HIS C 136 -1.52 34.79 41.89
CA HIS C 136 -2.22 33.64 42.48
C HIS C 136 -2.25 33.66 44.00
N LYS C 137 -1.11 33.34 44.61
CA LYS C 137 -1.04 33.18 46.06
C LYS C 137 -1.19 34.50 46.79
N ASP C 138 -0.71 35.59 46.18
CA ASP C 138 -0.87 36.91 46.78
C ASP C 138 -2.33 37.33 46.83
N PHE C 139 -3.08 37.05 45.77
CA PHE C 139 -4.51 37.33 45.80
C PHE C 139 -5.26 36.36 46.70
N ASP C 140 -4.75 35.14 46.87
CA ASP C 140 -5.35 34.21 47.82
C ASP C 140 -5.16 34.69 49.25
N THR C 141 -3.98 35.24 49.56
CA THR C 141 -3.70 35.79 50.88
C THR C 141 -4.17 37.22 51.04
N ALA C 142 -4.75 37.82 49.99
CA ALA C 142 -5.27 39.18 50.08
C ALA C 142 -6.45 39.27 51.04
N MET C 143 -7.33 38.26 51.03
CA MET C 143 -8.46 38.23 51.93
C MET C 143 -8.34 37.15 53.02
N LYS C 144 -7.17 36.52 53.15
CA LYS C 144 -6.97 35.48 54.15
C LYS C 144 -6.91 36.13 55.53
N GLY C 145 -8.06 36.21 56.19
CA GLY C 145 -8.15 36.82 57.50
C GLY C 145 -9.57 37.18 57.89
N VAL C 152 -9.90 28.83 51.32
CA VAL C 152 -9.71 29.41 50.00
C VAL C 152 -9.13 28.37 49.06
N LEU C 153 -9.80 27.23 48.94
CA LEU C 153 -9.31 26.10 48.17
C LEU C 153 -9.54 26.40 46.69
N ASN C 154 -8.56 27.09 46.10
CA ASN C 154 -8.56 27.41 44.68
C ASN C 154 -7.31 26.84 44.04
N GLN C 155 -7.47 26.21 42.88
CA GLN C 155 -6.37 25.61 42.16
C GLN C 155 -5.81 26.51 41.06
N LYS C 156 -6.67 27.21 40.34
CA LYS C 156 -6.34 28.10 39.23
C LYS C 156 -5.49 27.40 38.16
N GLU C 157 -4.24 27.85 37.99
CA GLU C 157 -3.30 27.25 37.06
C GLU C 157 -2.04 26.77 37.77
N LEU C 158 -2.21 26.28 39.01
CA LEU C 158 -1.07 25.73 39.75
C LEU C 158 -0.56 24.46 39.10
N ILE C 159 -1.47 23.64 38.56
CA ILE C 159 -1.12 22.53 37.69
C ILE C 159 -1.73 22.80 36.34
N ASP C 160 -0.93 22.65 35.29
CA ASP C 160 -1.36 22.89 33.91
C ASP C 160 -1.14 21.59 33.14
N ARG C 161 -2.09 20.67 33.26
CA ARG C 161 -2.02 19.41 32.54
C ARG C 161 -3.16 19.23 31.55
N LEU C 162 -4.41 19.29 32.03
CA LEU C 162 -5.55 19.06 31.15
C LEU C 162 -5.76 20.22 30.19
N PHE C 163 -5.26 21.39 30.56
CA PHE C 163 -5.27 22.54 29.67
C PHE C 163 -4.32 22.37 28.49
N ALA C 164 -3.22 21.63 28.64
CA ALA C 164 -2.15 21.61 27.65
C ALA C 164 -1.97 20.26 26.99
N VAL C 165 -1.73 19.18 27.75
CA VAL C 165 -1.28 17.94 27.14
C VAL C 165 -2.42 17.22 26.43
N LEU C 166 -3.66 17.44 26.86
CA LEU C 166 -4.79 16.79 26.19
C LEU C 166 -5.06 17.43 24.84
N ASP C 167 -4.92 18.75 24.75
CA ASP C 167 -5.06 19.41 23.45
C ASP C 167 -3.84 19.16 22.57
N GLY C 168 -2.65 19.06 23.19
CA GLY C 168 -1.44 18.77 22.44
C GLY C 168 -1.42 17.38 21.84
N LEU C 169 -1.88 16.38 22.57
CA LEU C 169 -1.97 15.03 22.02
C LEU C 169 -3.08 14.95 20.98
N SER C 170 -4.13 15.76 21.14
CA SER C 170 -5.20 15.82 20.16
C SER C 170 -4.72 16.41 18.84
N ASN C 171 -4.03 17.55 18.90
CA ASN C 171 -3.52 18.18 17.69
C ASN C 171 -2.36 17.39 17.11
N ALA C 172 -1.66 16.62 17.94
CA ALA C 172 -0.64 15.72 17.42
C ALA C 172 -1.28 14.51 16.75
N ALA C 173 -2.47 14.10 17.20
CA ALA C 173 -3.14 12.97 16.58
C ALA C 173 -3.71 13.34 15.22
N PHE C 174 -4.17 14.58 15.05
CA PHE C 174 -4.67 15.00 13.75
C PHE C 174 -3.54 15.22 12.76
N ALA C 175 -2.39 15.66 13.25
CA ALA C 175 -1.25 15.89 12.36
C ALA C 175 -0.69 14.57 11.82
N VAL C 176 -0.59 13.56 12.67
CA VAL C 176 -0.10 12.27 12.20
C VAL C 176 -1.16 11.57 11.38
N ALA C 177 -2.44 11.96 11.55
CA ALA C 177 -3.47 11.46 10.65
C ALA C 177 -3.37 12.10 9.28
N LEU C 178 -3.15 13.42 9.22
CA LEU C 178 -3.11 14.10 7.93
C LEU C 178 -1.81 13.88 7.17
N VAL C 179 -0.72 13.50 7.86
CA VAL C 179 0.53 13.33 7.15
C VAL C 179 0.53 12.01 6.36
N GLN C 180 -0.36 11.08 6.69
CA GLN C 180 -0.48 9.85 5.93
C GLN C 180 -1.88 9.61 5.37
N ALA C 181 -2.83 10.51 5.66
CA ALA C 181 -4.14 10.41 5.02
C ALA C 181 -4.02 10.62 3.52
N ILE C 182 -3.17 11.57 3.10
CA ILE C 182 -2.92 11.79 1.68
C ILE C 182 -2.28 10.56 1.05
N GLY C 183 -1.40 9.89 1.78
CA GLY C 183 -0.85 8.63 1.32
C GLY C 183 -1.90 7.56 1.15
N ALA C 184 -2.88 7.52 2.05
CA ALA C 184 -4.00 6.59 1.91
C ALA C 184 -4.87 6.91 0.68
N ILE C 185 -5.16 8.20 0.45
CA ILE C 185 -5.95 8.61 -0.72
C ILE C 185 -5.25 8.24 -2.02
N LEU C 186 -3.96 8.50 -2.12
CA LEU C 186 -3.29 8.12 -3.35
C LEU C 186 -3.03 6.62 -3.45
N LEU C 187 -2.99 5.91 -2.30
CA LEU C 187 -2.84 4.46 -2.33
C LEU C 187 -4.10 3.80 -2.87
N ILE C 188 -5.28 4.34 -2.53
CA ILE C 188 -6.53 3.82 -3.10
C ILE C 188 -6.52 3.94 -4.61
N ALA C 189 -6.12 5.12 -5.10
CA ALA C 189 -6.20 5.42 -6.53
C ALA C 189 -5.24 4.55 -7.34
N ASN C 190 -3.97 4.49 -6.92
CA ASN C 190 -3.07 3.66 -7.72
C ASN C 190 -3.26 2.18 -7.46
N MET C 191 -3.91 1.82 -6.34
CA MET C 191 -4.16 0.41 -6.06
C MET C 191 -5.30 -0.11 -6.93
N VAL C 192 -6.36 0.67 -7.11
CA VAL C 192 -7.40 0.25 -8.03
C VAL C 192 -6.95 0.44 -9.48
N GLN C 193 -5.97 1.31 -9.70
CA GLN C 193 -5.36 1.41 -11.03
C GLN C 193 -4.60 0.14 -11.40
N VAL C 194 -3.82 -0.40 -10.45
CA VAL C 194 -3.11 -1.64 -10.77
C VAL C 194 -4.06 -2.84 -10.70
N ALA C 195 -5.18 -2.71 -9.97
CA ALA C 195 -6.20 -3.76 -9.99
C ALA C 195 -6.92 -3.80 -11.33
N ALA C 196 -7.08 -2.66 -11.98
CA ALA C 196 -7.59 -2.65 -13.35
C ALA C 196 -6.52 -3.08 -14.34
N TYR C 197 -5.25 -2.75 -14.06
CA TYR C 197 -4.17 -3.07 -15.00
C TYR C 197 -3.84 -4.56 -14.98
N THR C 198 -4.09 -5.25 -13.87
CA THR C 198 -3.81 -6.68 -13.81
C THR C 198 -4.90 -7.50 -14.51
N ARG C 199 -6.03 -6.91 -14.84
CA ARG C 199 -7.06 -7.56 -15.63
C ARG C 199 -7.36 -6.66 -16.83
N ARG C 200 -6.53 -6.78 -17.87
CA ARG C 200 -6.76 -6.01 -19.08
C ARG C 200 -7.92 -6.58 -19.89
N THR C 201 -8.03 -7.91 -19.93
CA THR C 201 -9.03 -8.56 -20.76
C THR C 201 -10.44 -8.38 -20.20
N GLU C 202 -10.58 -8.24 -18.88
CA GLU C 202 -11.88 -8.02 -18.26
C GLU C 202 -12.48 -6.68 -18.68
N ILE C 203 -11.66 -5.63 -18.68
CA ILE C 203 -12.10 -4.35 -19.19
C ILE C 203 -12.27 -4.37 -20.71
N GLY C 204 -11.36 -5.04 -21.43
CA GLY C 204 -11.41 -5.03 -22.89
C GLY C 204 -12.61 -5.72 -23.47
N ILE C 205 -13.04 -6.84 -22.87
CA ILE C 205 -14.21 -7.54 -23.37
C ILE C 205 -15.48 -6.72 -23.12
N MET C 206 -15.49 -5.88 -22.08
CA MET C 206 -16.60 -4.95 -21.88
C MET C 206 -16.64 -3.90 -22.97
N ARG C 207 -15.49 -3.36 -23.34
CA ARG C 207 -15.45 -2.32 -24.36
C ARG C 207 -15.75 -2.89 -25.74
N LEU C 208 -15.47 -4.18 -25.96
CA LEU C 208 -15.81 -4.77 -27.25
C LEU C 208 -17.32 -4.99 -27.39
N VAL C 209 -18.00 -5.39 -26.32
CA VAL C 209 -19.41 -5.72 -26.41
C VAL C 209 -20.27 -4.51 -26.07
N GLY C 210 -19.63 -3.36 -25.88
CA GLY C 210 -20.35 -2.12 -25.62
C GLY C 210 -21.08 -2.08 -24.29
N ALA C 211 -20.43 -2.50 -23.22
CA ALA C 211 -21.00 -2.34 -21.90
C ALA C 211 -21.02 -0.87 -21.51
N SER C 212 -21.94 -0.52 -20.62
CA SER C 212 -22.08 0.87 -20.19
C SER C 212 -20.88 1.30 -19.35
N ARG C 213 -20.55 2.59 -19.45
CA ARG C 213 -19.35 3.11 -18.79
C ARG C 213 -19.51 3.11 -17.27
N TRP C 214 -20.75 3.20 -16.79
CA TRP C 214 -21.00 3.06 -15.36
C TRP C 214 -20.73 1.63 -14.90
N TYR C 215 -21.20 0.65 -15.66
CA TYR C 215 -21.13 -0.73 -15.17
C TYR C 215 -19.72 -1.31 -15.33
N THR C 216 -18.89 -0.72 -16.18
CA THR C 216 -17.51 -1.18 -16.33
C THR C 216 -16.70 -0.88 -15.08
N GLN C 217 -16.85 0.32 -14.53
CA GLN C 217 -16.15 0.75 -13.33
C GLN C 217 -16.96 0.57 -12.06
N LEU C 218 -18.18 0.04 -12.17
CA LEU C 218 -18.98 -0.27 -10.99
C LEU C 218 -18.39 -1.31 -10.03
N PRO C 219 -17.91 -2.50 -10.46
CA PRO C 219 -17.49 -3.48 -9.44
C PRO C 219 -16.22 -3.10 -8.69
N PHE C 220 -15.34 -2.30 -9.31
CA PHE C 220 -14.21 -1.74 -8.59
C PHE C 220 -14.67 -0.84 -7.44
N LEU C 221 -15.67 -0.01 -7.71
CA LEU C 221 -16.24 0.83 -6.65
C LEU C 221 -16.96 0.00 -5.60
N VAL C 222 -17.61 -1.09 -6.00
CA VAL C 222 -18.33 -1.93 -5.04
C VAL C 222 -17.35 -2.60 -4.08
N GLU C 223 -16.27 -3.19 -4.61
CA GLU C 223 -15.28 -3.79 -3.73
C GLU C 223 -14.52 -2.73 -2.95
N ALA C 224 -14.39 -1.52 -3.50
CA ALA C 224 -13.74 -0.43 -2.76
C ALA C 224 -14.56 -0.02 -1.54
N MET C 225 -15.89 0.12 -1.69
CA MET C 225 -16.73 0.44 -0.54
C MET C 225 -16.76 -0.70 0.46
N LEU C 226 -16.86 -1.94 0.00
CA LEU C 226 -16.88 -3.07 0.94
C LEU C 226 -15.58 -3.22 1.71
N ALA C 227 -14.45 -3.05 1.03
CA ALA C 227 -13.17 -3.20 1.70
C ALA C 227 -12.87 -1.99 2.59
N ALA C 228 -13.30 -0.79 2.19
CA ALA C 228 -13.15 0.36 3.07
C ALA C 228 -14.06 0.26 4.30
N THR C 229 -15.25 -0.31 4.14
CA THR C 229 -16.13 -0.53 5.28
C THR C 229 -15.53 -1.54 6.25
N MET C 230 -14.89 -2.58 5.72
CA MET C 230 -14.13 -3.51 6.55
C MET C 230 -12.97 -2.82 7.26
N GLY C 231 -12.32 -1.88 6.57
CA GLY C 231 -11.23 -1.14 7.19
C GLY C 231 -11.70 -0.22 8.32
N VAL C 232 -12.82 0.45 8.12
CA VAL C 232 -13.37 1.30 9.17
C VAL C 232 -13.84 0.45 10.34
N GLY C 233 -14.38 -0.74 10.05
CA GLY C 233 -14.78 -1.65 11.11
C GLY C 233 -13.61 -2.16 11.94
N ILE C 234 -12.50 -2.51 11.29
CA ILE C 234 -11.35 -2.98 12.06
C ILE C 234 -10.70 -1.81 12.79
N ALA C 235 -10.84 -0.58 12.30
CA ALA C 235 -10.36 0.57 13.06
C ALA C 235 -11.22 0.83 14.30
N VAL C 236 -12.54 0.68 14.17
CA VAL C 236 -13.43 0.83 15.33
C VAL C 236 -13.14 -0.25 16.35
N ALA C 237 -12.86 -1.48 15.88
CA ALA C 237 -12.43 -2.54 16.78
C ALA C 237 -11.08 -2.23 17.43
N GLY C 238 -10.18 -1.57 16.69
CA GLY C 238 -8.90 -1.19 17.27
C GLY C 238 -9.02 -0.16 18.38
N LEU C 239 -9.87 0.85 18.19
CA LEU C 239 -10.12 1.80 19.28
C LEU C 239 -10.88 1.18 20.44
N MET C 240 -11.74 0.18 20.18
CA MET C 240 -12.37 -0.51 21.30
C MET C 240 -11.36 -1.37 22.07
N VAL C 241 -10.40 -1.97 21.38
CA VAL C 241 -9.47 -2.85 22.09
C VAL C 241 -8.32 -2.07 22.74
N VAL C 242 -7.94 -0.91 22.19
CA VAL C 242 -6.80 -0.20 22.74
C VAL C 242 -7.17 0.55 24.01
N ARG C 243 -8.46 0.80 24.22
CA ARG C 243 -8.95 1.24 25.52
C ARG C 243 -8.99 0.08 26.51
N ALA C 244 -9.43 -1.10 26.07
CA ALA C 244 -9.61 -2.22 26.96
C ALA C 244 -8.29 -2.91 27.30
N LEU C 245 -7.58 -3.40 26.27
CA LEU C 245 -6.38 -4.19 26.52
C LEU C 245 -5.21 -3.32 26.97
N PHE C 246 -5.06 -2.14 26.37
CA PHE C 246 -4.00 -1.21 26.73
C PHE C 246 -4.57 -0.11 27.60
N LEU C 247 -3.72 0.49 28.43
CA LEU C 247 -4.15 1.61 29.27
C LEU C 247 -5.39 1.30 30.08
N GLU C 248 -5.37 0.20 30.82
CA GLU C 248 -6.51 -0.09 31.69
C GLU C 248 -6.52 0.85 32.90
N ASN C 249 -5.39 0.96 33.58
CA ASN C 249 -5.25 1.82 34.76
C ASN C 249 -4.77 3.21 34.37
N ALA C 250 -5.48 3.80 33.40
CA ALA C 250 -5.20 5.15 32.93
C ALA C 250 -6.36 6.10 33.17
N LEU C 251 -7.56 5.76 32.68
CA LEU C 251 -8.70 6.64 32.82
C LEU C 251 -9.53 6.37 34.06
N ASN C 252 -9.58 5.11 34.52
CA ASN C 252 -10.36 4.79 35.70
C ASN C 252 -9.76 5.40 36.96
N GLN C 253 -8.43 5.38 37.08
CA GLN C 253 -7.82 5.95 38.28
C GLN C 253 -7.78 7.46 38.24
N PHE C 254 -7.92 8.06 37.05
CA PHE C 254 -8.18 9.48 36.98
C PHE C 254 -9.63 9.80 37.31
N TYR C 255 -10.56 8.91 36.97
CA TYR C 255 -11.96 9.15 37.29
C TYR C 255 -12.23 9.01 38.78
N GLN C 256 -11.61 8.02 39.42
CA GLN C 256 -11.79 7.84 40.86
C GLN C 256 -11.04 8.93 41.65
N ALA C 257 -10.07 9.59 41.04
CA ALA C 257 -9.42 10.74 41.65
C ALA C 257 -10.22 12.02 41.44
N ASN C 258 -11.33 11.94 40.70
CA ASN C 258 -12.22 13.08 40.41
C ASN C 258 -11.48 14.22 39.72
N LEU C 259 -10.60 13.85 38.80
CA LEU C 259 -9.74 14.80 38.10
C LEU C 259 -10.03 14.89 36.61
N ILE C 260 -10.34 13.76 35.97
CA ILE C 260 -10.65 13.70 34.54
C ILE C 260 -11.97 12.95 34.38
N ALA C 261 -12.90 13.55 33.64
CA ALA C 261 -14.19 12.93 33.39
C ALA C 261 -14.04 11.67 32.56
N LYS C 262 -14.81 10.64 32.91
CA LYS C 262 -14.67 9.32 32.31
C LYS C 262 -15.25 9.30 30.90
N VAL C 263 -14.91 8.24 30.17
CA VAL C 263 -15.44 7.99 28.84
C VAL C 263 -16.05 6.60 28.82
N ASP C 264 -17.24 6.48 28.24
CA ASP C 264 -17.90 5.21 28.06
C ASP C 264 -17.83 4.81 26.58
N TYR C 265 -18.45 3.69 26.24
CA TYR C 265 -18.38 3.17 24.89
C TYR C 265 -19.55 3.62 24.02
N ALA C 266 -20.42 4.49 24.54
CA ALA C 266 -21.56 4.95 23.75
C ALA C 266 -21.13 5.99 22.72
N ASP C 267 -20.13 6.80 23.03
CA ASP C 267 -19.71 7.85 22.10
C ASP C 267 -18.92 7.31 20.91
N ILE C 268 -18.28 6.15 21.04
CA ILE C 268 -17.71 5.47 19.86
C ILE C 268 -18.82 5.11 18.89
N LEU C 269 -19.93 4.55 19.39
CA LEU C 269 -21.09 4.28 18.56
C LEU C 269 -21.71 5.57 18.03
N PHE C 270 -21.64 6.66 18.81
CA PHE C 270 -22.20 7.93 18.38
C PHE C 270 -21.43 8.53 17.21
N ILE C 271 -20.09 8.37 17.22
CA ILE C 271 -19.28 8.87 16.11
C ILE C 271 -19.08 7.84 15.01
N THR C 272 -19.55 6.61 15.20
CA THR C 272 -19.38 5.57 14.19
C THR C 272 -20.05 5.85 12.84
N PRO C 273 -21.33 6.28 12.73
CA PRO C 273 -21.87 6.54 11.38
C PRO C 273 -21.21 7.71 10.67
N TRP C 274 -20.76 8.72 11.42
CA TRP C 274 -19.95 9.78 10.85
C TRP C 274 -18.63 9.25 10.31
N LEU C 275 -18.04 8.28 11.02
CA LEU C 275 -16.77 7.70 10.60
C LEU C 275 -16.95 6.86 9.34
N LEU C 276 -18.02 6.06 9.27
CA LEU C 276 -18.33 5.31 8.05
C LEU C 276 -18.62 6.22 6.88
N LEU C 277 -19.34 7.34 7.13
CA LEU C 277 -19.63 8.28 6.05
C LEU C 277 -18.35 8.93 5.53
N LEU C 278 -17.43 9.27 6.44
CA LEU C 278 -16.14 9.82 6.03
C LEU C 278 -15.34 8.84 5.19
N GLY C 279 -15.25 7.58 5.64
CA GLY C 279 -14.48 6.58 4.91
C GLY C 279 -15.08 6.25 3.55
N VAL C 280 -16.41 6.09 3.49
CA VAL C 280 -17.09 5.77 2.25
C VAL C 280 -17.01 6.93 1.26
N ALA C 281 -17.23 8.16 1.72
CA ALA C 281 -17.17 9.32 0.83
C ALA C 281 -15.76 9.55 0.31
N MET C 282 -14.76 9.39 1.18
CA MET C 282 -13.36 9.55 0.76
C MET C 282 -12.98 8.50 -0.26
N SER C 283 -13.34 7.23 -0.03
CA SER C 283 -12.99 6.15 -0.95
C SER C 283 -13.71 6.29 -2.29
N GLY C 284 -14.98 6.70 -2.27
CA GLY C 284 -15.70 6.92 -3.51
C GLY C 284 -15.15 8.08 -4.32
N LEU C 285 -14.81 9.18 -3.64
CA LEU C 285 -14.22 10.34 -4.31
C LEU C 285 -12.87 10.00 -4.92
N THR C 286 -12.04 9.22 -4.22
CA THR C 286 -10.74 8.90 -4.78
C THR C 286 -10.75 7.68 -5.69
N ALA C 287 -11.86 6.97 -5.80
CA ALA C 287 -11.92 5.92 -6.82
C ALA C 287 -12.54 6.41 -8.12
N TYR C 288 -13.54 7.30 -8.03
CA TYR C 288 -14.12 7.85 -9.26
C TYR C 288 -13.14 8.80 -9.94
N LEU C 289 -12.30 9.49 -9.14
CA LEU C 289 -11.33 10.42 -9.70
C LEU C 289 -10.26 9.70 -10.51
N THR C 290 -9.90 8.48 -10.13
CA THR C 290 -8.92 7.74 -10.89
C THR C 290 -9.54 6.82 -11.93
N LEU C 291 -10.82 6.48 -11.81
CA LEU C 291 -11.48 5.72 -12.87
C LEU C 291 -12.14 6.60 -13.92
N ARG C 292 -12.12 7.93 -13.73
CA ARG C 292 -12.47 8.83 -14.82
C ARG C 292 -11.47 8.69 -15.97
N LEU C 293 -10.20 8.45 -15.64
CA LEU C 293 -9.20 8.18 -16.65
C LEU C 293 -9.44 6.84 -17.34
N TYR C 294 -9.90 5.84 -16.58
CA TYR C 294 -10.07 4.49 -17.11
C TYR C 294 -11.55 4.12 -17.19
N MET D 1 31.36 4.60 -13.03
CA MET D 1 31.48 3.31 -13.70
C MET D 1 30.70 2.24 -12.94
N ARG D 2 31.28 1.73 -11.85
CA ARG D 2 30.63 0.72 -11.05
C ARG D 2 29.48 1.27 -10.21
N PHE D 3 29.49 2.58 -9.95
CA PHE D 3 28.40 3.23 -9.22
C PHE D 3 27.54 4.11 -10.12
N GLY D 4 27.75 4.05 -11.43
CA GLY D 4 27.01 4.89 -12.35
C GLY D 4 26.24 4.11 -13.39
N PHE D 5 26.67 2.88 -13.67
CA PHE D 5 25.95 2.04 -14.61
C PHE D 5 24.63 1.56 -14.01
N LEU D 6 24.54 1.52 -12.68
CA LEU D 6 23.33 1.16 -11.97
C LEU D 6 22.53 2.39 -11.54
N LEU D 7 23.15 3.57 -11.49
CA LEU D 7 22.44 4.75 -11.05
C LEU D 7 21.61 5.41 -12.13
N ASN D 8 21.81 5.05 -13.41
CA ASN D 8 21.19 5.78 -14.50
C ASN D 8 19.73 5.40 -14.72
N GLU D 9 19.34 4.14 -14.54
CA GLU D 9 17.98 3.73 -14.84
C GLU D 9 17.09 3.60 -13.62
N VAL D 10 17.65 3.65 -12.41
CA VAL D 10 16.82 3.55 -11.20
C VAL D 10 16.02 4.83 -10.99
N LEU D 11 16.52 5.97 -11.44
CA LEU D 11 15.74 7.20 -11.38
C LEU D 11 14.58 7.18 -12.36
N THR D 12 14.72 6.42 -13.45
CA THR D 12 13.62 6.23 -14.38
C THR D 12 12.48 5.43 -13.76
N GLY D 13 12.77 4.64 -12.73
CA GLY D 13 11.70 3.98 -11.99
C GLY D 13 10.80 4.96 -11.25
N PHE D 14 11.41 5.97 -10.63
CA PHE D 14 10.61 7.01 -9.99
C PHE D 14 9.98 7.93 -11.02
N ARG D 15 10.67 8.16 -12.13
CA ARG D 15 10.12 9.04 -13.17
C ARG D 15 8.91 8.42 -13.86
N ARG D 16 8.95 7.11 -14.12
CA ARG D 16 7.85 6.45 -14.81
C ARG D 16 6.67 6.20 -13.90
N ASN D 17 6.88 6.18 -12.58
CA ASN D 17 5.80 5.93 -11.63
C ASN D 17 6.04 6.81 -10.41
N VAL D 18 5.23 7.85 -10.27
CA VAL D 18 5.43 8.87 -9.24
C VAL D 18 4.48 8.69 -8.06
N THR D 19 3.53 7.77 -8.16
CA THR D 19 2.46 7.65 -7.19
C THR D 19 2.69 6.53 -6.18
N MET D 20 3.26 5.42 -6.61
CA MET D 20 3.45 4.31 -5.69
C MET D 20 4.65 4.56 -4.77
N THR D 21 5.65 5.29 -5.28
CA THR D 21 6.82 5.63 -4.48
C THR D 21 6.46 6.54 -3.31
N ILE D 22 5.63 7.55 -3.55
CA ILE D 22 5.25 8.45 -2.46
C ILE D 22 4.31 7.74 -1.49
N ALA D 23 3.58 6.72 -1.97
CA ALA D 23 2.80 5.88 -1.06
C ALA D 23 3.69 5.12 -0.09
N MET D 24 4.79 4.55 -0.60
CA MET D 24 5.76 3.90 0.28
C MET D 24 6.47 4.88 1.22
N ILE D 25 6.77 6.09 0.74
CA ILE D 25 7.37 7.10 1.63
C ILE D 25 6.42 7.45 2.78
N LEU D 26 5.17 7.77 2.45
CA LEU D 26 4.23 8.21 3.46
C LEU D 26 3.73 7.09 4.36
N THR D 27 3.84 5.83 3.93
CA THR D 27 3.46 4.72 4.81
C THR D 27 4.62 4.21 5.65
N THR D 28 5.83 4.14 5.07
CA THR D 28 7.01 3.73 5.83
C THR D 28 7.39 4.79 6.86
N ALA D 29 7.08 6.05 6.56
CA ALA D 29 7.32 7.13 7.52
C ALA D 29 6.51 6.97 8.80
N ILE D 30 5.33 6.36 8.71
CA ILE D 30 4.55 6.15 9.93
C ILE D 30 5.06 4.93 10.69
N SER D 31 5.51 3.90 9.97
CA SER D 31 6.05 2.70 10.62
C SER D 31 7.38 2.94 11.31
N VAL D 32 8.03 4.05 11.02
CA VAL D 32 9.25 4.46 11.71
C VAL D 32 8.98 5.61 12.66
N GLY D 33 8.14 6.57 12.24
CA GLY D 33 7.84 7.71 13.10
C GLY D 33 7.03 7.36 14.34
N LEU D 34 6.01 6.52 14.17
CA LEU D 34 5.20 6.12 15.32
C LEU D 34 5.97 5.19 16.24
N PHE D 35 6.87 4.37 15.68
CA PHE D 35 7.75 3.56 16.49
C PHE D 35 8.73 4.41 17.28
N GLY D 36 9.23 5.49 16.67
CA GLY D 36 10.10 6.41 17.41
C GLY D 36 9.35 7.14 18.50
N GLY D 37 8.09 7.50 18.24
CA GLY D 37 7.26 8.09 19.28
C GLY D 37 7.00 7.13 20.42
N GLY D 38 6.84 5.84 20.11
CA GLY D 38 6.72 4.86 21.16
C GLY D 38 8.01 4.49 21.86
N MET D 39 9.15 4.75 21.24
CA MET D 39 10.43 4.48 21.89
C MET D 39 10.88 5.64 22.77
N LEU D 40 10.52 6.86 22.39
CA LEU D 40 10.88 8.03 23.20
C LEU D 40 10.20 8.01 24.57
N VAL D 41 8.95 7.55 24.63
CA VAL D 41 8.26 7.51 25.91
C VAL D 41 8.83 6.42 26.81
N VAL D 42 9.33 5.34 26.22
CA VAL D 42 10.02 4.31 27.01
C VAL D 42 11.35 4.84 27.54
N ARG D 43 12.10 5.56 26.69
CA ARG D 43 13.35 6.15 27.14
C ARG D 43 13.15 7.37 28.03
N LEU D 44 11.91 7.87 28.14
CA LEU D 44 11.55 8.89 29.10
C LEU D 44 11.09 8.34 30.44
N ALA D 45 10.36 7.21 30.41
CA ALA D 45 9.86 6.60 31.64
C ALA D 45 10.99 6.09 32.51
N ASP D 46 11.98 5.42 31.91
CA ASP D 46 13.13 4.97 32.69
C ASP D 46 14.05 6.11 33.10
N SER D 47 14.02 7.23 32.37
CA SER D 47 14.78 8.39 32.77
C SER D 47 14.07 9.24 33.81
N SER D 48 12.80 8.96 34.09
CA SER D 48 12.07 9.64 35.15
C SER D 48 12.25 8.99 36.52
N ARG D 49 13.26 8.14 36.68
CA ARG D 49 13.59 7.55 37.99
C ARG D 49 14.45 8.45 38.86
N ALA D 50 15.08 9.48 38.28
CA ALA D 50 16.01 10.29 39.06
C ALA D 50 15.30 11.21 40.03
N ILE D 51 14.06 11.59 39.74
CA ILE D 51 13.31 12.50 40.59
C ILE D 51 12.13 11.83 41.28
N TYR D 52 11.89 10.55 41.01
CA TYR D 52 10.79 9.82 41.62
C TYR D 52 11.36 8.68 42.45
N LEU D 53 10.62 8.31 43.49
CA LEU D 53 10.92 7.07 44.20
C LEU D 53 10.34 5.91 43.39
N ASP D 54 10.76 4.70 43.71
CA ASP D 54 10.22 3.52 43.04
C ASP D 54 8.92 3.09 43.74
N ARG D 55 8.53 1.83 43.48
CA ARG D 55 7.15 1.34 43.62
C ARG D 55 6.53 1.60 44.98
N VAL D 56 7.28 1.41 46.06
CA VAL D 56 6.77 1.70 47.39
C VAL D 56 7.89 2.13 48.32
N GLU D 57 7.75 3.35 48.87
CA GLU D 57 8.33 3.75 50.14
C GLU D 57 7.36 4.69 50.84
N SER D 58 7.84 5.28 51.93
CA SER D 58 7.18 6.39 52.60
C SER D 58 8.29 7.28 53.14
N GLN D 59 8.60 8.34 52.40
CA GLN D 59 9.62 9.29 52.80
C GLN D 59 9.16 10.02 54.05
N VAL D 60 10.04 10.10 55.05
CA VAL D 60 9.75 10.79 56.30
C VAL D 60 10.79 11.89 56.48
N PHE D 61 10.35 13.05 56.93
CA PHE D 61 11.23 14.17 57.22
C PHE D 61 11.24 14.44 58.72
N LEU D 62 12.43 14.60 59.28
CA LEU D 62 12.61 14.78 60.71
C LEU D 62 13.24 16.13 60.98
N THR D 63 13.38 16.44 62.27
CA THR D 63 13.96 17.70 62.69
C THR D 63 15.44 17.75 62.36
N GLU D 64 15.92 18.94 62.01
CA GLU D 64 17.28 19.10 61.54
C GLU D 64 18.31 18.97 62.66
N ASP D 65 17.95 19.42 63.87
CA ASP D 65 18.92 19.52 64.96
C ASP D 65 19.40 18.18 65.46
N VAL D 66 18.56 17.14 65.39
CA VAL D 66 18.99 15.80 65.78
C VAL D 66 19.86 15.19 64.68
N SER D 67 19.77 15.70 63.45
CA SER D 67 20.61 15.25 62.35
C SER D 67 21.75 16.23 62.05
N ALA D 68 21.81 17.36 62.74
CA ALA D 68 22.84 18.36 62.50
C ALA D 68 24.16 18.03 63.19
N ASN D 69 24.17 17.06 64.08
CA ASN D 69 25.37 16.71 64.83
C ASN D 69 26.03 15.46 64.25
N ASP D 70 27.35 15.42 64.31
CA ASP D 70 28.24 14.38 63.78
C ASP D 70 27.98 14.23 62.27
N SER D 71 28.13 13.02 61.74
CA SER D 71 27.71 12.74 60.37
C SER D 71 26.26 12.29 60.35
N SER D 72 25.93 11.28 61.16
CA SER D 72 24.55 10.82 61.30
C SER D 72 23.86 11.48 62.49
N CYS D 73 24.35 11.16 63.68
CA CYS D 73 23.79 11.72 64.91
C CYS D 73 24.75 11.45 66.06
N ASP D 74 24.50 12.07 67.21
CA ASP D 74 25.33 11.87 68.40
C ASP D 74 24.54 11.47 69.62
N THR D 75 23.24 11.75 69.67
CA THR D 75 22.42 11.44 70.83
C THR D 75 21.86 10.02 70.74
N THR D 76 21.09 9.64 71.76
CA THR D 76 20.41 8.36 71.78
C THR D 76 19.01 8.45 71.20
N ALA D 77 18.54 9.66 70.87
CA ALA D 77 17.20 9.81 70.29
C ALA D 77 17.14 9.25 68.87
N CYS D 78 18.22 9.43 68.11
CA CYS D 78 18.26 8.86 66.77
C CYS D 78 18.25 7.34 66.87
N LYS D 79 19.05 6.79 67.78
CA LYS D 79 19.10 5.35 67.95
C LYS D 79 17.75 4.80 68.41
N ALA D 80 17.05 5.56 69.27
CA ALA D 80 15.73 5.15 69.73
C ALA D 80 14.71 5.17 68.58
N LEU D 81 14.75 6.21 67.75
CA LEU D 81 13.91 6.24 66.57
C LEU D 81 14.28 5.14 65.58
N ARG D 82 15.57 4.80 65.49
CA ARG D 82 16.01 3.69 64.65
C ARG D 82 15.43 2.36 65.13
N GLU D 83 15.49 2.09 66.43
CA GLU D 83 14.98 0.80 66.89
C GLU D 83 13.46 0.77 66.92
N LYS D 84 12.82 1.94 67.03
CA LYS D 84 11.36 1.98 66.92
C LYS D 84 10.92 1.77 65.48
N ILE D 85 11.66 2.33 64.52
CA ILE D 85 11.27 2.24 63.12
C ILE D 85 11.78 0.95 62.47
N GLU D 86 12.68 0.23 63.14
CA GLU D 86 13.22 -1.00 62.58
C GLU D 86 12.18 -2.11 62.55
N THR D 87 11.43 -2.27 63.65
CA THR D 87 10.45 -3.34 63.68
C THR D 87 9.17 -2.94 62.95
N ARG D 88 8.44 -1.97 63.51
CA ARG D 88 7.19 -1.42 62.95
C ARG D 88 6.16 -2.48 62.60
N SER D 89 6.15 -3.58 63.36
CA SER D 89 5.26 -4.73 63.23
C SER D 89 5.36 -5.43 61.88
N ASP D 90 4.94 -4.77 60.80
CA ASP D 90 4.72 -5.49 59.55
C ASP D 90 5.97 -5.55 58.69
N VAL D 91 6.68 -4.43 58.54
CA VAL D 91 7.85 -4.38 57.67
C VAL D 91 9.04 -5.04 58.36
N LYS D 92 10.07 -5.34 57.59
CA LYS D 92 11.28 -5.97 58.12
C LYS D 92 12.58 -5.30 57.71
N ALA D 93 12.61 -4.55 56.61
CA ALA D 93 13.83 -3.92 56.15
C ALA D 93 13.63 -2.42 55.99
N VAL D 94 14.59 -1.67 56.53
CA VAL D 94 14.57 -0.21 56.51
C VAL D 94 15.83 0.25 55.79
N ARG D 95 15.85 1.54 55.48
CA ARG D 95 17.06 2.18 54.94
C ARG D 95 17.39 3.41 55.76
N PHE D 96 18.64 3.52 56.17
CA PHE D 96 19.15 4.66 56.92
C PHE D 96 20.01 5.50 56.00
N LEU D 97 19.65 6.77 55.85
CA LEU D 97 20.37 7.67 54.96
C LEU D 97 20.71 8.96 55.71
N ASN D 98 21.75 9.62 55.25
CA ASN D 98 22.27 10.83 55.88
C ASN D 98 22.17 12.00 54.91
N ARG D 99 22.66 13.16 55.36
CA ARG D 99 22.51 14.40 54.60
C ARG D 99 23.60 14.61 53.56
N GLN D 100 24.59 13.72 53.49
CA GLN D 100 25.68 13.89 52.53
C GLN D 100 25.18 13.67 51.10
N GLN D 101 24.41 12.62 50.89
CA GLN D 101 23.81 12.33 49.59
C GLN D 101 22.36 12.81 49.50
N ALA D 102 21.84 13.43 50.56
CA ALA D 102 20.48 13.98 50.48
C ALA D 102 20.43 15.19 49.57
N TYR D 103 21.54 15.90 49.43
CA TYR D 103 21.62 16.96 48.42
C TYR D 103 21.67 16.39 47.01
N ASP D 104 22.14 15.13 46.88
CA ASP D 104 22.31 14.33 45.66
C ASP D 104 22.81 15.12 44.46
N ASP D 105 22.26 14.85 43.27
CA ASP D 105 22.55 15.67 42.10
C ASP D 105 21.64 16.90 42.03
N ALA D 106 22.24 18.07 42.27
CA ALA D 106 21.50 19.32 42.36
C ALA D 106 21.20 19.93 41.00
N ILE D 107 21.76 19.40 39.93
CA ILE D 107 21.52 19.92 38.59
C ILE D 107 20.52 19.09 37.81
N ARG D 108 20.15 17.92 38.32
CA ARG D 108 19.20 17.02 37.67
C ARG D 108 17.96 16.79 38.53
N LYS D 109 18.13 16.48 39.82
CA LYS D 109 16.98 16.26 40.68
C LYS D 109 16.26 17.55 40.99
N PHE D 110 17.00 18.66 41.11
CA PHE D 110 16.43 19.99 41.32
C PHE D 110 17.09 20.97 40.37
N PRO D 111 16.88 20.79 39.06
CA PRO D 111 17.47 21.73 38.09
C PRO D 111 16.88 23.13 38.16
N GLN D 112 15.64 23.27 38.66
CA GLN D 112 15.08 24.59 38.87
C GLN D 112 15.69 25.29 40.08
N PHE D 113 16.29 24.54 41.00
CA PHE D 113 16.94 25.09 42.18
C PHE D 113 18.38 24.63 42.26
N LYS D 114 19.10 24.68 41.13
CA LYS D 114 20.50 24.27 41.11
C LYS D 114 21.41 25.29 41.77
N ASP D 115 20.96 26.53 41.94
CA ASP D 115 21.76 27.57 42.57
C ASP D 115 21.51 27.64 44.08
N VAL D 116 20.28 27.91 44.47
CA VAL D 116 19.92 28.03 45.89
C VAL D 116 19.59 26.62 46.37
N ALA D 117 20.63 25.89 46.77
CA ALA D 117 20.46 24.53 47.27
C ALA D 117 21.53 24.29 48.33
N GLY D 118 21.18 24.51 49.59
CA GLY D 118 22.10 24.25 50.67
C GLY D 118 22.21 22.78 51.00
N LYS D 119 23.34 22.41 51.59
CA LYS D 119 23.54 21.03 52.04
C LYS D 119 22.88 20.75 53.37
N ASP D 120 22.41 21.77 54.09
CA ASP D 120 21.72 21.60 55.35
C ASP D 120 20.21 21.75 55.24
N SER D 121 19.70 22.16 54.08
CA SER D 121 18.25 22.24 53.91
C SER D 121 17.61 20.88 53.67
N PHE D 122 18.42 19.86 53.36
CA PHE D 122 17.92 18.51 53.16
C PHE D 122 18.24 17.68 54.39
N PRO D 123 17.25 17.25 55.16
CA PRO D 123 17.51 16.42 56.34
C PRO D 123 17.72 14.96 55.95
N ALA D 124 17.85 14.11 56.96
CA ALA D 124 18.02 12.68 56.74
C ALA D 124 16.72 12.06 56.23
N SER D 125 16.85 10.90 55.60
CA SER D 125 15.74 10.29 54.87
C SER D 125 14.95 9.32 55.72
N PHE D 126 15.63 8.30 56.30
CA PHE D 126 15.03 7.22 57.09
C PHE D 126 13.93 6.49 56.32
N ILE D 127 14.19 6.22 55.04
CA ILE D 127 13.14 5.71 54.17
C ILE D 127 12.92 4.22 54.42
N VAL D 128 11.68 3.79 54.23
CA VAL D 128 11.29 2.40 54.41
C VAL D 128 10.12 2.12 53.48
N LYS D 129 10.10 0.94 52.89
CA LYS D 129 9.00 0.52 52.04
C LYS D 129 7.86 -0.04 52.89
N LEU D 130 6.84 -0.54 52.22
CA LEU D 130 5.74 -1.25 52.86
C LEU D 130 5.54 -2.57 52.12
N GLU D 131 5.05 -3.57 52.85
CA GLU D 131 4.84 -4.88 52.24
C GLU D 131 3.66 -4.88 51.28
N ASN D 132 2.76 -3.91 51.40
CA ASN D 132 1.61 -3.79 50.53
C ASN D 132 1.34 -2.32 50.19
N PRO D 133 0.75 -2.04 49.03
CA PRO D 133 0.45 -0.63 48.69
C PRO D 133 -0.85 -0.12 49.26
N GLU D 134 -1.66 -0.95 49.89
CA GLU D 134 -2.99 -0.56 50.33
C GLU D 134 -3.02 -0.03 51.77
N GLN D 135 -1.89 0.02 52.45
CA GLN D 135 -1.85 0.48 53.84
C GLN D 135 -1.02 1.74 54.00
N HIS D 136 -0.88 2.52 52.93
CA HIS D 136 -0.08 3.74 52.98
C HIS D 136 -0.72 4.79 53.89
N LYS D 137 -2.04 4.96 53.78
CA LYS D 137 -2.74 5.91 54.64
C LYS D 137 -2.71 5.48 56.09
N ASP D 138 -2.77 4.17 56.34
CA ASP D 138 -2.65 3.65 57.70
C ASP D 138 -1.26 3.90 58.27
N PHE D 139 -0.21 3.72 57.46
CA PHE D 139 1.13 4.00 57.94
C PHE D 139 1.36 5.50 58.16
N ASP D 140 0.76 6.34 57.32
CA ASP D 140 0.91 7.78 57.51
C ASP D 140 0.14 8.25 58.74
N THR D 141 -1.00 7.62 59.03
CA THR D 141 -1.72 7.94 60.26
C THR D 141 -0.96 7.46 61.49
N ALA D 142 -0.31 6.30 61.39
CA ALA D 142 0.44 5.76 62.53
C ALA D 142 1.75 6.50 62.77
N MET D 143 2.40 7.00 61.73
CA MET D 143 3.68 7.67 61.90
C MET D 143 3.52 9.08 62.47
N LYS D 144 2.50 9.81 62.02
CA LYS D 144 2.30 11.17 62.48
C LYS D 144 1.82 11.20 63.93
N GLY D 145 2.19 12.27 64.63
CA GLY D 145 1.95 12.42 66.04
C GLY D 145 3.14 12.09 66.92
N GLN D 146 4.11 11.36 66.40
CA GLN D 146 5.33 11.10 67.15
C GLN D 146 6.25 12.31 67.05
N PRO D 147 6.68 12.90 68.16
CA PRO D 147 7.56 14.07 68.08
C PRO D 147 8.95 13.71 67.57
N GLY D 148 9.54 14.65 66.83
CA GLY D 148 10.84 14.45 66.23
C GLY D 148 10.82 14.38 64.72
N VAL D 149 9.66 14.22 64.11
CA VAL D 149 9.54 14.19 62.66
C VAL D 149 8.71 15.39 62.21
N LEU D 150 8.85 15.75 60.93
CA LEU D 150 8.15 16.90 60.37
C LEU D 150 6.92 16.48 59.59
N ASP D 151 7.09 15.67 58.55
CA ASP D 151 5.98 15.21 57.72
C ASP D 151 6.40 13.95 56.99
N VAL D 152 5.40 13.24 56.47
CA VAL D 152 5.60 11.97 55.77
C VAL D 152 5.18 12.14 54.32
N LEU D 153 6.05 11.75 53.40
CA LEU D 153 5.86 11.93 51.98
C LEU D 153 5.76 10.56 51.32
N ASN D 154 4.73 10.36 50.49
CA ASN D 154 4.30 8.99 50.19
C ASN D 154 4.74 8.52 48.80
N GLN D 155 4.50 9.33 47.76
CA GLN D 155 4.84 9.15 46.33
C GLN D 155 4.03 8.09 45.59
N LYS D 156 3.19 7.32 46.28
CA LYS D 156 2.37 6.35 45.57
C LYS D 156 0.91 6.76 45.59
N GLU D 157 0.25 6.62 44.43
CA GLU D 157 -1.17 6.82 44.17
C GLU D 157 -1.60 8.27 44.31
N LEU D 158 -0.67 9.20 44.49
CA LEU D 158 -0.92 10.62 44.36
C LEU D 158 -0.09 11.25 43.26
N ILE D 159 1.14 10.77 43.05
CA ILE D 159 2.01 11.26 41.99
C ILE D 159 2.25 10.21 40.92
N ASP D 160 2.18 8.92 41.26
CA ASP D 160 2.58 7.85 40.34
C ASP D 160 1.55 7.56 39.25
N ARG D 161 0.40 8.24 39.29
CA ARG D 161 -0.63 8.08 38.26
C ARG D 161 -0.11 8.52 36.90
N LEU D 162 0.65 9.61 36.87
CA LEU D 162 1.16 10.14 35.61
C LEU D 162 2.23 9.23 35.03
N PHE D 163 3.01 8.58 35.89
CA PHE D 163 3.91 7.55 35.40
C PHE D 163 3.15 6.32 34.91
N ALA D 164 2.01 6.02 35.54
CA ALA D 164 1.20 4.89 35.08
C ALA D 164 0.60 5.15 33.71
N VAL D 165 0.15 6.38 33.46
CA VAL D 165 -0.44 6.69 32.16
C VAL D 165 0.67 6.98 31.14
N LEU D 166 1.88 7.27 31.61
CA LEU D 166 3.01 7.46 30.70
C LEU D 166 3.40 6.15 30.03
N ASP D 167 3.54 5.08 30.81
CA ASP D 167 3.85 3.78 30.23
C ASP D 167 2.63 3.14 29.57
N GLY D 168 1.44 3.70 29.79
CA GLY D 168 0.27 3.18 29.09
C GLY D 168 0.32 3.41 27.59
N LEU D 169 0.89 4.55 27.17
CA LEU D 169 1.06 4.79 25.74
C LEU D 169 2.17 3.95 25.14
N SER D 170 3.09 3.44 25.96
CA SER D 170 4.18 2.61 25.46
C SER D 170 3.65 1.29 24.91
N ASN D 171 2.69 0.68 25.59
CA ASN D 171 2.01 -0.49 25.06
C ASN D 171 0.74 -0.12 24.30
N ALA D 172 0.59 1.14 23.91
CA ALA D 172 -0.48 1.59 23.03
C ALA D 172 0.03 2.11 21.70
N ALA D 173 1.14 2.83 21.69
CA ALA D 173 1.71 3.28 20.42
C ALA D 173 2.35 2.13 19.66
N PHE D 174 2.95 1.18 20.39
CA PHE D 174 3.51 0.00 19.74
C PHE D 174 2.43 -0.87 19.11
N ALA D 175 1.24 -0.92 19.71
CA ALA D 175 0.16 -1.71 19.12
C ALA D 175 -0.32 -1.12 17.81
N VAL D 176 -0.54 0.19 17.77
CA VAL D 176 -0.97 0.85 16.55
C VAL D 176 0.13 0.82 15.49
N ALA D 177 1.39 0.93 15.94
CA ALA D 177 2.51 0.80 15.02
C ALA D 177 2.62 -0.59 14.43
N LEU D 178 2.46 -1.63 15.25
CA LEU D 178 2.66 -2.99 14.76
C LEU D 178 1.44 -3.50 14.01
N VAL D 179 0.29 -2.85 14.14
CA VAL D 179 -0.85 -3.19 13.29
C VAL D 179 -0.56 -2.84 11.85
N GLN D 180 -0.08 -1.61 11.61
CA GLN D 180 0.15 -1.15 10.25
C GLN D 180 1.56 -1.46 9.76
N ALA D 181 2.45 -1.91 10.66
CA ALA D 181 3.80 -2.26 10.27
C ALA D 181 3.83 -3.45 9.32
N ILE D 182 2.97 -4.45 9.57
CA ILE D 182 2.93 -5.60 8.67
C ILE D 182 2.32 -5.22 7.33
N GLY D 183 1.42 -4.24 7.32
CA GLY D 183 0.96 -3.70 6.05
C GLY D 183 2.06 -2.99 5.28
N ALA D 184 2.91 -2.26 6.01
CA ALA D 184 4.07 -1.62 5.38
C ALA D 184 5.08 -2.66 4.88
N ILE D 185 5.22 -3.77 5.58
CA ILE D 185 6.05 -4.88 5.11
C ILE D 185 5.50 -5.46 3.82
N LEU D 186 4.23 -5.84 3.83
CA LEU D 186 3.65 -6.48 2.66
C LEU D 186 3.55 -5.55 1.47
N LEU D 187 3.41 -4.24 1.70
CA LEU D 187 3.38 -3.34 0.56
C LEU D 187 4.68 -3.44 -0.24
N ILE D 188 5.79 -3.72 0.45
CA ILE D 188 7.09 -3.84 -0.22
C ILE D 188 7.15 -5.08 -1.10
N ALA D 189 6.37 -6.10 -0.80
CA ALA D 189 6.33 -7.29 -1.65
C ALA D 189 5.73 -6.98 -3.01
N ASN D 190 4.71 -6.12 -3.04
CA ASN D 190 4.06 -5.75 -4.29
C ASN D 190 4.63 -4.49 -4.93
N MET D 191 5.58 -3.80 -4.27
CA MET D 191 6.36 -2.78 -4.99
C MET D 191 7.09 -3.36 -6.19
N VAL D 192 7.76 -4.49 -6.01
CA VAL D 192 8.43 -5.18 -7.09
C VAL D 192 7.42 -5.70 -8.10
N GLN D 193 6.23 -6.09 -7.63
CA GLN D 193 5.18 -6.54 -8.54
C GLN D 193 4.67 -5.42 -9.43
N VAL D 194 4.47 -4.23 -8.86
CA VAL D 194 4.03 -3.08 -9.65
C VAL D 194 5.14 -2.63 -10.60
N ALA D 195 6.40 -2.73 -10.15
CA ALA D 195 7.53 -2.45 -11.05
C ALA D 195 7.61 -3.46 -12.18
N ALA D 196 7.28 -4.72 -11.92
CA ALA D 196 7.34 -5.75 -12.94
C ALA D 196 6.17 -5.61 -13.92
N TYR D 197 5.00 -5.24 -13.42
CA TYR D 197 3.86 -5.03 -14.31
C TYR D 197 4.04 -3.77 -15.14
N THR D 198 4.63 -2.72 -14.55
CA THR D 198 4.89 -1.50 -15.29
C THR D 198 6.09 -1.66 -16.21
N ARG D 199 7.02 -2.57 -15.88
CA ARG D 199 8.21 -2.81 -16.70
C ARG D 199 8.42 -4.33 -16.75
N ARG D 200 7.81 -4.96 -17.74
CA ARG D 200 7.99 -6.39 -17.98
C ARG D 200 8.84 -6.69 -19.21
N THR D 201 8.96 -5.73 -20.13
CA THR D 201 9.76 -5.97 -21.33
C THR D 201 11.25 -5.99 -21.01
N GLU D 202 11.70 -5.11 -20.10
CA GLU D 202 13.11 -5.05 -19.76
C GLU D 202 13.53 -6.27 -18.95
N ILE D 203 12.71 -6.67 -17.98
CA ILE D 203 13.00 -7.86 -17.18
C ILE D 203 12.91 -9.11 -18.03
N GLY D 204 11.96 -9.15 -18.94
CA GLY D 204 11.85 -10.28 -19.84
C GLY D 204 13.02 -10.38 -20.81
N ILE D 205 13.49 -9.24 -21.32
CA ILE D 205 14.64 -9.24 -22.23
C ILE D 205 15.90 -9.63 -21.49
N MET D 206 16.06 -9.15 -20.24
CA MET D 206 17.23 -9.49 -19.45
C MET D 206 17.22 -10.97 -19.05
N ARG D 207 16.04 -11.53 -18.80
CA ARG D 207 15.97 -12.96 -18.53
C ARG D 207 16.19 -13.78 -19.79
N LEU D 208 15.80 -13.23 -20.95
CA LEU D 208 15.96 -13.96 -22.20
C LEU D 208 17.42 -14.02 -22.64
N VAL D 209 18.14 -12.89 -22.58
CA VAL D 209 19.53 -12.92 -23.00
C VAL D 209 20.40 -13.53 -21.89
N GLY D 210 19.98 -13.46 -20.64
CA GLY D 210 20.75 -14.07 -19.56
C GLY D 210 21.12 -13.04 -18.53
N ALA D 211 20.79 -13.35 -17.27
CA ALA D 211 21.06 -12.47 -16.14
C ALA D 211 21.76 -13.26 -15.04
N SER D 212 22.67 -12.58 -14.34
CA SER D 212 23.49 -13.21 -13.31
C SER D 212 22.71 -13.29 -12.00
N ARG D 213 23.43 -13.60 -10.91
CA ARG D 213 22.82 -13.65 -9.58
C ARG D 213 22.35 -12.26 -9.15
N TRP D 214 23.15 -11.23 -9.40
CA TRP D 214 22.79 -9.84 -9.10
C TRP D 214 22.92 -9.06 -10.40
N TYR D 215 21.86 -9.11 -11.21
CA TYR D 215 21.83 -8.39 -12.48
C TYR D 215 20.65 -7.47 -12.60
N THR D 216 19.44 -7.96 -12.33
CA THR D 216 18.23 -7.19 -12.57
C THR D 216 17.39 -6.96 -11.31
N GLN D 217 17.66 -7.67 -10.23
CA GLN D 217 16.94 -7.39 -9.00
C GLN D 217 17.54 -6.22 -8.24
N LEU D 218 18.79 -5.86 -8.55
CA LEU D 218 19.46 -4.74 -7.89
C LEU D 218 18.76 -3.38 -8.04
N PRO D 219 18.20 -2.99 -9.21
CA PRO D 219 17.36 -1.78 -9.20
C PRO D 219 16.14 -1.85 -8.31
N PHE D 220 15.51 -3.03 -8.18
CA PHE D 220 14.37 -3.16 -7.28
C PHE D 220 14.79 -3.02 -5.82
N LEU D 221 15.93 -3.62 -5.45
CA LEU D 221 16.43 -3.48 -4.09
C LEU D 221 16.86 -2.06 -3.77
N VAL D 222 17.49 -1.37 -4.72
CA VAL D 222 17.87 0.03 -4.47
C VAL D 222 16.64 0.91 -4.39
N GLU D 223 15.63 0.66 -5.24
CA GLU D 223 14.40 1.43 -5.19
C GLU D 223 13.61 1.17 -3.91
N ALA D 224 13.78 0.00 -3.30
CA ALA D 224 13.19 -0.22 -1.99
C ALA D 224 14.00 0.43 -0.86
N MET D 225 15.33 0.30 -0.91
CA MET D 225 16.17 0.73 0.21
C MET D 225 16.26 2.24 0.30
N LEU D 226 16.37 2.93 -0.84
CA LEU D 226 16.42 4.39 -0.80
C LEU D 226 15.07 4.97 -0.44
N ALA D 227 13.98 4.29 -0.81
CA ALA D 227 12.66 4.69 -0.35
C ALA D 227 12.53 4.52 1.16
N ALA D 228 13.09 3.43 1.70
CA ALA D 228 13.07 3.24 3.15
C ALA D 228 13.89 4.32 3.87
N THR D 229 15.05 4.68 3.31
CA THR D 229 15.88 5.72 3.92
C THR D 229 15.19 7.09 3.86
N MET D 230 14.54 7.40 2.74
CA MET D 230 13.81 8.66 2.64
C MET D 230 12.60 8.67 3.56
N GLY D 231 11.97 7.50 3.75
CA GLY D 231 10.87 7.41 4.70
C GLY D 231 11.31 7.61 6.14
N VAL D 232 12.47 7.07 6.50
CA VAL D 232 13.02 7.28 7.84
C VAL D 232 13.38 8.75 8.03
N GLY D 233 13.94 9.38 7.00
CA GLY D 233 14.29 10.80 7.10
C GLY D 233 13.09 11.71 7.27
N ILE D 234 12.05 11.51 6.45
CA ILE D 234 10.82 12.29 6.63
C ILE D 234 10.10 11.90 7.91
N ALA D 235 10.31 10.67 8.40
CA ALA D 235 9.73 10.24 9.66
C ALA D 235 10.33 11.00 10.84
N VAL D 236 11.65 11.09 10.90
CA VAL D 236 12.28 11.78 12.02
C VAL D 236 12.09 13.29 11.90
N ALA D 237 11.99 13.82 10.68
CA ALA D 237 11.67 15.23 10.51
C ALA D 237 10.25 15.54 10.96
N GLY D 238 9.30 14.68 10.60
CA GLY D 238 7.93 14.87 11.04
C GLY D 238 7.77 14.71 12.54
N LEU D 239 8.52 13.77 13.13
CA LEU D 239 8.52 13.59 14.57
C LEU D 239 9.07 14.82 15.28
N MET D 240 10.16 15.38 14.74
CA MET D 240 10.75 16.60 15.29
C MET D 240 9.79 17.77 15.22
N VAL D 241 9.14 17.96 14.07
CA VAL D 241 8.27 19.13 13.92
C VAL D 241 6.99 18.97 14.73
N VAL D 242 6.48 17.74 14.87
CA VAL D 242 5.28 17.57 15.68
C VAL D 242 5.60 17.69 17.17
N ARG D 243 6.81 17.27 17.59
CA ARG D 243 7.19 17.44 18.98
C ARG D 243 7.40 18.91 19.31
N ALA D 244 8.17 19.63 18.49
CA ALA D 244 8.45 21.03 18.75
C ALA D 244 7.26 21.94 18.45
N LEU D 245 6.22 21.44 17.78
CA LEU D 245 5.05 22.26 17.53
C LEU D 245 3.87 21.95 18.43
N PHE D 246 3.77 20.74 18.98
CA PHE D 246 2.58 20.37 19.76
C PHE D 246 2.90 19.76 21.11
N LEU D 247 4.15 19.60 21.49
CA LEU D 247 4.48 18.96 22.75
C LEU D 247 5.32 19.82 23.69
N GLU D 248 6.00 20.83 23.16
CA GLU D 248 6.80 21.70 24.02
C GLU D 248 5.93 22.56 24.92
N ASN D 249 4.74 22.94 24.44
CA ASN D 249 3.83 23.74 25.26
C ASN D 249 3.21 22.95 26.42
N ALA D 250 3.34 21.63 26.42
CA ALA D 250 2.84 20.80 27.51
C ALA D 250 3.95 20.23 28.38
N LEU D 251 5.19 20.22 27.92
CA LEU D 251 6.27 19.63 28.70
C LEU D 251 7.12 20.67 29.42
N ASN D 252 6.99 21.96 29.08
CA ASN D 252 7.72 22.98 29.81
C ASN D 252 7.25 23.12 31.25
N GLN D 253 5.93 23.08 31.48
CA GLN D 253 5.43 23.17 32.85
C GLN D 253 5.69 21.88 33.61
N PHE D 254 5.70 20.75 32.90
CA PHE D 254 5.98 19.48 33.55
C PHE D 254 7.45 19.38 33.96
N TYR D 255 8.34 19.96 33.15
CA TYR D 255 9.71 20.12 33.58
C TYR D 255 9.82 21.14 34.70
N GLN D 256 8.95 22.16 34.67
CA GLN D 256 8.95 23.19 35.71
C GLN D 256 8.41 22.65 37.02
N ALA D 257 7.42 21.76 36.96
CA ALA D 257 6.85 21.17 38.16
C ALA D 257 7.62 19.93 38.62
N ASN D 258 8.72 19.60 37.93
CA ASN D 258 9.65 18.53 38.29
C ASN D 258 8.93 17.17 38.30
N LEU D 259 8.37 16.82 37.15
CA LEU D 259 7.67 15.56 36.96
C LEU D 259 8.32 14.66 35.93
N ILE D 260 9.12 15.22 35.03
CA ILE D 260 9.94 14.46 34.08
C ILE D 260 11.35 15.00 34.17
N ALA D 261 12.32 14.10 34.37
CA ALA D 261 13.68 14.52 34.66
C ALA D 261 14.40 15.03 33.42
N LYS D 262 14.37 14.27 32.33
CA LYS D 262 15.28 14.55 31.23
C LYS D 262 14.70 15.55 30.23
N VAL D 263 13.63 15.15 29.53
CA VAL D 263 12.96 15.81 28.40
C VAL D 263 13.85 16.68 27.50
N ASP D 264 14.32 16.10 26.40
CA ASP D 264 15.18 16.83 25.48
C ASP D 264 15.01 16.28 24.07
N TYR D 265 15.20 17.16 23.09
CA TYR D 265 15.14 16.78 21.68
C TYR D 265 16.55 16.45 21.15
N ALA D 266 17.24 15.60 21.90
CA ALA D 266 18.54 15.08 21.51
C ALA D 266 18.62 13.57 21.57
N ASP D 267 17.69 12.91 22.28
CA ASP D 267 17.62 11.46 22.25
C ASP D 267 17.05 10.94 20.94
N ILE D 268 16.39 11.81 20.16
CA ILE D 268 15.90 11.44 18.84
C ILE D 268 17.07 11.16 17.91
N LEU D 269 18.10 12.01 17.95
CA LEU D 269 19.31 11.75 17.18
C LEU D 269 20.18 10.68 17.83
N PHE D 270 19.96 10.38 19.11
CA PHE D 270 20.73 9.35 19.77
C PHE D 270 20.24 7.95 19.48
N ILE D 271 19.08 7.80 18.82
CA ILE D 271 18.54 6.49 18.50
C ILE D 271 18.41 6.27 17.00
N THR D 272 18.87 7.22 16.18
CA THR D 272 18.68 7.07 14.74
C THR D 272 19.66 6.05 14.15
N PRO D 273 20.79 5.79 14.85
CA PRO D 273 21.58 4.66 14.36
C PRO D 273 20.79 3.40 14.73
N TRP D 274 20.12 3.39 15.88
CA TRP D 274 19.29 2.27 16.31
C TRP D 274 18.01 2.15 15.49
N LEU D 275 17.64 3.19 14.75
CA LEU D 275 16.37 3.24 14.05
C LEU D 275 16.47 3.03 12.55
N LEU D 276 17.61 3.39 11.94
CA LEU D 276 17.71 3.36 10.49
C LEU D 276 17.76 1.93 9.96
N LEU D 277 18.38 1.01 10.69
CA LEU D 277 18.51 -0.35 10.20
C LEU D 277 17.17 -1.09 10.28
N LEU D 278 16.32 -0.73 11.24
CA LEU D 278 15.00 -1.35 11.29
C LEU D 278 14.08 -0.79 10.22
N GLY D 279 14.37 0.40 9.72
CA GLY D 279 13.58 0.96 8.63
C GLY D 279 13.92 0.34 7.29
N VAL D 280 15.19 -0.01 7.08
CA VAL D 280 15.62 -0.51 5.77
C VAL D 280 15.60 -2.02 5.67
N ALA D 281 15.65 -2.75 6.79
CA ALA D 281 15.58 -4.20 6.73
C ALA D 281 14.16 -4.66 6.39
N MET D 282 13.15 -4.03 6.98
CA MET D 282 11.76 -4.38 6.72
C MET D 282 11.30 -3.98 5.32
N SER D 283 12.06 -3.15 4.61
CA SER D 283 11.79 -2.88 3.21
C SER D 283 12.81 -3.48 2.27
N GLY D 284 13.98 -3.90 2.77
CA GLY D 284 15.01 -4.45 1.92
C GLY D 284 15.01 -5.96 1.86
N LEU D 285 14.96 -6.61 3.02
CA LEU D 285 14.98 -8.07 3.05
C LEU D 285 13.70 -8.65 2.48
N THR D 286 12.58 -7.94 2.65
CA THR D 286 11.32 -8.37 2.07
C THR D 286 11.36 -8.30 0.54
N ALA D 287 11.95 -7.23 -0.01
CA ALA D 287 12.13 -7.15 -1.45
C ALA D 287 13.13 -8.20 -1.96
N TYR D 288 14.16 -8.50 -1.17
CA TYR D 288 15.14 -9.51 -1.57
C TYR D 288 14.55 -10.91 -1.53
N LEU D 289 13.52 -11.13 -0.70
CA LEU D 289 12.90 -12.46 -0.69
C LEU D 289 11.74 -12.58 -1.68
N THR D 290 10.98 -11.50 -1.93
CA THR D 290 9.81 -11.62 -2.79
C THR D 290 10.18 -11.77 -4.27
N LEU D 291 11.40 -11.39 -4.65
CA LEU D 291 11.83 -11.58 -6.03
C LEU D 291 12.18 -13.04 -6.30
N ARG D 292 12.53 -13.80 -5.24
CA ARG D 292 12.66 -15.24 -5.40
C ARG D 292 11.30 -15.87 -5.65
N LEU D 293 10.26 -15.33 -5.01
CA LEU D 293 8.90 -15.83 -5.25
C LEU D 293 8.41 -15.43 -6.63
N TYR D 294 8.76 -14.23 -7.09
CA TYR D 294 8.24 -13.75 -8.37
C TYR D 294 9.00 -14.34 -9.55
N VAL D 295 10.32 -14.21 -9.55
CA VAL D 295 11.12 -14.70 -10.67
C VAL D 295 12.30 -15.53 -10.19
#